data_5NEL
#
_entry.id   5NEL
#
_cell.length_a   49.437
_cell.length_b   117.975
_cell.length_c   98.199
_cell.angle_alpha   90.00
_cell.angle_beta   102.10
_cell.angle_gamma   90.00
#
_symmetry.space_group_name_H-M   'P 1 21 1'
#
loop_
_entity.id
_entity.type
_entity.pdbx_description
1 polymer 'Peptidoglycan N-acetylglucosamine deacetylase'
2 non-polymer 'ZINC ION'
3 non-polymer 'ACETATE ION'
4 non-polymer (3AR,5R,6S,7R,7AR)-2-(ETHYLAMINO)-5-(HYDROXYMETHYL)-5,6,7,7A-TETRAHYDRO-3AH-PYRANO[3,2-D][1,3]THIAZOLE-6,7-DIOL
5 non-polymer 'TRIETHYLENE GLYCOL'
6 non-polymer 1,2-ETHANEDIOL
7 non-polymer 'CITRIC ACID'
8 water water
#
_entity_poly.entity_id   1
_entity_poly.type   'polypeptide(L)'
_entity_poly.pdbx_seq_one_letter_code
;FQSITSPAKAVAKQENVVQLASEQPKVEMNKTAPSRFNGKERKVAYLTFDDGPGKYTAELLNTLKQHDAKATFFLIGANV
KEFPDLVKRENAEGHYVGMHSMTHNFAKLYKNGEYVNEMKEDQGLIANIIGKSPKLTRPPYGSMPGLNEGLRNKVVEGGF
KVWDWTIDSLDWRYNKMPVDAAAAQIAQNVLTNATKPQEVILMHDIHPQSVAAVPAILKGLKEKGYEFEAYHEESHFPVN
FWHDNRM
;
_entity_poly.pdbx_strand_id   A,B,C,D
#
loop_
_chem_comp.id
_chem_comp.type
_chem_comp.name
_chem_comp.formula
ACT non-polymer 'ACETATE ION' 'C2 H3 O2 -1'
CIT non-polymer 'CITRIC ACID' 'C6 H8 O7'
EDO non-polymer 1,2-ETHANEDIOL 'C2 H6 O2'
NHT non-polymer (3AR,5R,6S,7R,7AR)-2-(ETHYLAMINO)-5-(HYDROXYMETHYL)-5,6,7,7A-TETRAHYDRO-3AH-PYRANO[3,2-D][1,3]THIAZOLE-6,7-DIOL 'C9 H16 N2 O4 S'
PGE non-polymer 'TRIETHYLENE GLYCOL' 'C6 H14 O4'
ZN non-polymer 'ZINC ION' 'Zn 2'
#
# COMPACT_ATOMS: atom_id res chain seq x y z
N LYS A 43 -35.18 -10.22 -7.52
CA LYS A 43 -34.67 -11.25 -6.61
C LYS A 43 -34.13 -12.45 -7.41
N VAL A 44 -33.23 -12.16 -8.34
CA VAL A 44 -32.61 -13.17 -9.21
C VAL A 44 -31.48 -13.95 -8.53
N ALA A 45 -31.18 -15.14 -9.05
CA ALA A 45 -30.03 -15.92 -8.57
C ALA A 45 -29.35 -16.64 -9.73
N TYR A 46 -28.09 -16.31 -9.98
CA TYR A 46 -27.42 -16.81 -11.16
C TYR A 46 -26.47 -17.95 -10.81
N LEU A 47 -26.85 -19.19 -11.12
CA LEU A 47 -25.95 -20.30 -10.89
C LEU A 47 -24.92 -20.35 -11.99
N THR A 48 -23.65 -20.53 -11.62
CA THR A 48 -22.58 -20.61 -12.61
C THR A 48 -21.78 -21.89 -12.40
N PHE A 49 -21.33 -22.53 -13.48
CA PHE A 49 -20.55 -23.75 -13.35
C PHE A 49 -19.24 -23.66 -14.10
N ASP A 50 -18.16 -24.10 -13.44
CA ASP A 50 -16.80 -23.96 -13.97
C ASP A 50 -16.16 -25.25 -14.46
N ASP A 51 -15.11 -25.07 -15.26
CA ASP A 51 -14.17 -26.12 -15.61
C ASP A 51 -14.76 -27.21 -16.50
N GLY A 52 -15.98 -27.02 -16.99
CA GLY A 52 -16.62 -27.99 -17.87
C GLY A 52 -16.51 -27.74 -19.36
N PRO A 53 -17.29 -28.49 -20.16
CA PRO A 53 -18.22 -29.56 -19.80
C PRO A 53 -17.55 -30.87 -19.40
N GLY A 54 -18.22 -31.65 -18.57
CA GLY A 54 -17.66 -32.89 -18.14
C GLY A 54 -18.69 -34.00 -18.09
N LYS A 55 -18.29 -35.05 -17.37
CA LYS A 55 -18.99 -36.33 -17.26
C LYS A 55 -20.42 -36.23 -16.70
N TYR A 56 -20.64 -35.24 -15.83
CA TYR A 56 -21.92 -35.13 -15.15
C TYR A 56 -22.73 -33.99 -15.70
N THR A 57 -22.22 -33.35 -16.74
CA THR A 57 -22.87 -32.16 -17.29
C THR A 57 -24.27 -32.46 -17.80
N ALA A 58 -24.39 -33.56 -18.55
CA ALA A 58 -25.67 -33.98 -19.08
C ALA A 58 -26.66 -34.20 -17.93
N GLU A 59 -26.21 -34.91 -16.88
CA GLU A 59 -27.03 -35.13 -15.68
C GLU A 59 -27.60 -33.81 -15.17
N LEU A 60 -26.72 -32.83 -14.98
CA LEU A 60 -27.07 -31.53 -14.42
C LEU A 60 -28.09 -30.80 -15.28
N LEU A 61 -27.85 -30.81 -16.59
CA LEU A 61 -28.76 -30.14 -17.54
C LEU A 61 -30.20 -30.65 -17.43
N ASN A 62 -30.35 -31.95 -17.16
CA ASN A 62 -31.67 -32.52 -16.99
C ASN A 62 -32.30 -32.00 -15.72
N THR A 63 -31.49 -31.97 -14.66
CA THR A 63 -31.92 -31.46 -13.36
C THR A 63 -32.31 -29.99 -13.44
N LEU A 64 -31.52 -29.21 -14.16
CA LEU A 64 -31.85 -27.81 -14.40
C LEU A 64 -33.18 -27.77 -15.15
N LYS A 65 -33.23 -28.50 -16.27
CA LYS A 65 -34.39 -28.54 -17.14
C LYS A 65 -35.63 -29.00 -16.40
N GLN A 66 -35.50 -30.05 -15.59
CA GLN A 66 -36.63 -30.58 -14.83
C GLN A 66 -37.22 -29.50 -13.92
N HIS A 67 -36.40 -28.59 -13.44
CA HIS A 67 -36.89 -27.55 -12.55
C HIS A 67 -37.16 -26.24 -13.30
N ASP A 68 -37.18 -26.31 -14.63
CA ASP A 68 -37.45 -25.16 -15.49
C ASP A 68 -36.52 -24.01 -15.09
N ALA A 69 -35.25 -24.35 -14.90
CA ALA A 69 -34.24 -23.43 -14.38
C ALA A 69 -33.10 -23.22 -15.36
N LYS A 70 -32.69 -21.97 -15.53
CA LYS A 70 -31.60 -21.62 -16.43
C LYS A 70 -30.37 -21.03 -15.70
N ALA A 71 -29.19 -21.51 -16.08
CA ALA A 71 -27.92 -21.16 -15.42
C ALA A 71 -26.83 -20.68 -16.39
N THR A 72 -25.60 -20.63 -15.90
CA THR A 72 -24.47 -20.14 -16.69
C THR A 72 -23.27 -21.07 -16.62
N PHE A 73 -22.66 -21.34 -17.78
CA PHE A 73 -21.51 -22.24 -17.82
C PHE A 73 -20.28 -21.53 -18.36
N PHE A 74 -19.13 -21.74 -17.71
CA PHE A 74 -17.86 -21.20 -18.19
C PHE A 74 -16.92 -22.34 -18.57
N LEU A 75 -16.71 -22.55 -19.85
CA LEU A 75 -16.07 -23.79 -20.31
C LEU A 75 -14.58 -23.65 -20.59
N ILE A 76 -13.83 -24.69 -20.27
CA ILE A 76 -12.42 -24.72 -20.63
C ILE A 76 -12.31 -25.16 -22.09
N GLY A 77 -11.30 -24.66 -22.80
CA GLY A 77 -11.10 -24.97 -24.21
C GLY A 77 -11.09 -26.43 -24.63
N ALA A 78 -10.33 -27.26 -23.93
CA ALA A 78 -10.21 -28.66 -24.31
C ALA A 78 -11.50 -29.43 -24.07
N ASN A 79 -12.27 -29.02 -23.08
CA ASN A 79 -13.56 -29.64 -22.80
C ASN A 79 -14.65 -29.26 -23.79
N VAL A 80 -14.44 -28.12 -24.43
CA VAL A 80 -15.24 -27.69 -25.54
C VAL A 80 -14.89 -28.57 -26.74
N LYS A 81 -13.58 -28.81 -26.91
CA LYS A 81 -13.09 -29.65 -28.00
C LYS A 81 -13.55 -31.10 -27.89
N GLU A 82 -13.83 -31.54 -26.67
CA GLU A 82 -14.14 -32.94 -26.47
C GLU A 82 -15.64 -33.20 -26.38
N PHE A 83 -16.38 -32.20 -25.89
CA PHE A 83 -17.82 -32.35 -25.69
C PHE A 83 -18.64 -31.34 -26.45
N PRO A 84 -18.45 -31.28 -27.78
CA PRO A 84 -19.19 -30.25 -28.49
C PRO A 84 -20.69 -30.35 -28.29
N ASP A 85 -21.24 -31.56 -28.22
CA ASP A 85 -22.68 -31.73 -28.05
C ASP A 85 -23.16 -31.09 -26.75
N LEU A 86 -22.47 -31.37 -25.66
CA LEU A 86 -22.85 -30.78 -24.39
C LEU A 86 -22.79 -29.25 -24.51
N VAL A 87 -21.75 -28.75 -25.17
CA VAL A 87 -21.62 -27.31 -25.44
C VAL A 87 -22.84 -26.82 -26.19
N LYS A 88 -23.17 -27.56 -27.26
CA LYS A 88 -24.29 -27.26 -28.12
C LYS A 88 -25.60 -27.29 -27.34
N ARG A 89 -25.68 -28.25 -26.43
CA ARG A 89 -26.90 -28.47 -25.68
C ARG A 89 -27.18 -27.35 -24.70
N GLU A 90 -26.14 -26.92 -24.00
CA GLU A 90 -26.26 -25.82 -23.05
C GLU A 90 -26.90 -24.55 -23.65
N ASN A 91 -26.35 -24.08 -24.77
CA ASN A 91 -26.96 -22.93 -25.41
C ASN A 91 -28.39 -23.26 -25.86
N ALA A 92 -28.55 -24.40 -26.51
CA ALA A 92 -29.85 -24.85 -27.00
C ALA A 92 -30.97 -24.82 -25.97
N GLU A 93 -30.66 -25.10 -24.71
CA GLU A 93 -31.70 -25.15 -23.70
C GLU A 93 -31.77 -23.87 -22.87
N GLY A 94 -31.16 -22.80 -23.38
CA GLY A 94 -31.32 -21.47 -22.80
C GLY A 94 -30.34 -21.05 -21.71
N HIS A 95 -29.20 -21.73 -21.60
CA HIS A 95 -28.21 -21.31 -20.62
C HIS A 95 -27.17 -20.43 -21.30
N TYR A 96 -26.45 -19.63 -20.51
CA TYR A 96 -25.36 -18.83 -21.05
C TYR A 96 -24.11 -19.68 -21.11
N VAL A 97 -23.36 -19.54 -22.20
CA VAL A 97 -22.12 -20.30 -22.36
C VAL A 97 -20.94 -19.35 -22.47
N GLY A 98 -20.19 -19.20 -21.38
CA GLY A 98 -19.05 -18.30 -21.31
C GLY A 98 -17.70 -18.96 -21.33
N MET A 99 -16.65 -18.18 -21.12
CA MET A 99 -15.31 -18.72 -21.28
C MET A 99 -14.55 -18.77 -19.94
N HIS A 100 -13.65 -19.75 -19.85
CA HIS A 100 -12.88 -20.05 -18.65
C HIS A 100 -11.43 -20.38 -19.05
N SER A 101 -11.03 -19.86 -20.22
CA SER A 101 -9.64 -19.95 -20.73
C SER A 101 -9.31 -21.27 -21.40
N MET A 102 -8.08 -21.34 -21.90
CA MET A 102 -7.57 -22.53 -22.59
C MET A 102 -6.76 -23.47 -21.68
N THR A 103 -5.91 -22.92 -20.82
CA THR A 103 -5.00 -23.77 -20.06
C THR A 103 -5.33 -23.85 -18.56
N HIS A 104 -6.23 -23.00 -18.08
CA HIS A 104 -6.52 -22.90 -16.64
C HIS A 104 -5.20 -22.85 -15.82
N ASN A 105 -4.14 -22.32 -16.43
CA ASN A 105 -2.80 -22.22 -15.85
C ASN A 105 -2.55 -20.78 -15.35
N PHE A 106 -2.35 -20.63 -14.05
CA PHE A 106 -2.19 -19.33 -13.39
C PHE A 106 -1.03 -18.48 -13.95
N ALA A 107 0.15 -19.10 -14.06
CA ALA A 107 1.35 -18.40 -14.51
C ALA A 107 1.21 -17.88 -15.95
N LYS A 108 0.73 -18.75 -16.83
CA LYS A 108 0.42 -18.41 -18.22
C LYS A 108 -0.62 -17.31 -18.32
N LEU A 109 -1.76 -17.50 -17.66
CA LEU A 109 -2.85 -16.54 -17.78
C LEU A 109 -2.41 -15.16 -17.34
N TYR A 110 -1.96 -15.05 -16.10
CA TYR A 110 -1.73 -13.74 -15.49
C TYR A 110 -0.28 -13.32 -15.48
N LYS A 111 0.59 -14.17 -14.96
CA LYS A 111 1.98 -13.78 -14.76
C LYS A 111 2.62 -13.60 -16.13
N ASN A 112 2.08 -14.25 -17.14
CA ASN A 112 2.58 -14.08 -18.49
C ASN A 112 1.66 -13.33 -19.44
N GLY A 113 0.50 -12.90 -18.93
CA GLY A 113 -0.43 -12.04 -19.64
C GLY A 113 -1.14 -12.68 -20.82
N GLU A 114 -1.36 -13.98 -20.75
CA GLU A 114 -1.97 -14.71 -21.84
C GLU A 114 -3.49 -14.71 -21.74
N TYR A 115 -4.00 -14.11 -20.67
CA TYR A 115 -5.43 -14.13 -20.37
C TYR A 115 -6.34 -13.89 -21.58
N VAL A 116 -6.26 -12.71 -22.17
CA VAL A 116 -7.21 -12.37 -23.24
C VAL A 116 -7.10 -13.34 -24.42
N ASN A 117 -5.87 -13.66 -24.79
CA ASN A 117 -5.58 -14.57 -25.86
C ASN A 117 -6.20 -15.91 -25.60
N GLU A 118 -6.06 -16.39 -24.37
CA GLU A 118 -6.66 -17.66 -24.06
C GLU A 118 -8.17 -17.54 -24.08
N MET A 119 -8.67 -16.37 -23.70
CA MET A 119 -10.11 -16.18 -23.72
C MET A 119 -10.62 -16.03 -25.15
N LYS A 120 -9.81 -15.39 -26.00
CA LYS A 120 -10.17 -15.13 -27.40
C LYS A 120 -10.31 -16.46 -28.14
N GLU A 121 -9.29 -17.30 -28.02
CA GLU A 121 -9.27 -18.60 -28.67
C GLU A 121 -10.36 -19.51 -28.13
N ASP A 122 -10.66 -19.39 -26.84
CA ASP A 122 -11.73 -20.16 -26.25
C ASP A 122 -13.06 -19.69 -26.81
N GLN A 123 -13.17 -18.37 -26.98
CA GLN A 123 -14.37 -17.78 -27.55
C GLN A 123 -14.70 -18.29 -28.93
N GLY A 124 -13.66 -18.44 -29.75
CA GLY A 124 -13.81 -18.90 -31.11
C GLY A 124 -14.31 -20.31 -31.14
N LEU A 125 -13.68 -21.18 -30.33
CA LEU A 125 -14.07 -22.59 -30.26
C LEU A 125 -15.54 -22.73 -29.91
N ILE A 126 -16.00 -21.90 -28.99
CA ILE A 126 -17.42 -21.91 -28.65
C ILE A 126 -18.26 -21.38 -29.81
N ALA A 127 -17.74 -20.38 -30.50
CA ALA A 127 -18.47 -19.74 -31.57
C ALA A 127 -18.74 -20.70 -32.74
N ASN A 128 -17.83 -21.66 -32.93
CA ASN A 128 -17.94 -22.61 -34.02
C ASN A 128 -19.06 -23.62 -33.83
N ILE A 129 -19.58 -23.65 -32.62
CA ILE A 129 -20.69 -24.51 -32.27
C ILE A 129 -22.03 -23.80 -32.15
N ILE A 130 -22.06 -22.67 -31.46
CA ILE A 130 -23.31 -22.01 -31.11
C ILE A 130 -23.58 -20.77 -31.98
N GLY A 131 -22.65 -20.45 -32.87
CA GLY A 131 -22.84 -19.39 -33.82
C GLY A 131 -22.83 -17.97 -33.24
N LYS A 132 -22.50 -17.87 -31.95
CA LYS A 132 -22.33 -16.58 -31.27
C LYS A 132 -20.92 -16.48 -30.72
N SER A 133 -20.42 -15.25 -30.55
CA SER A 133 -19.17 -15.03 -29.86
C SER A 133 -19.43 -14.36 -28.52
N PRO A 134 -19.44 -15.17 -27.45
CA PRO A 134 -19.84 -14.66 -26.14
C PRO A 134 -18.78 -13.72 -25.61
N LYS A 135 -19.19 -12.87 -24.68
CA LYS A 135 -18.32 -11.83 -24.15
C LYS A 135 -17.90 -12.10 -22.70
N LEU A 136 -18.75 -12.81 -21.95
CA LEU A 136 -18.52 -12.96 -20.51
C LEU A 136 -17.46 -13.99 -20.18
N THR A 137 -16.39 -13.54 -19.51
CA THR A 137 -15.35 -14.45 -19.03
C THR A 137 -15.42 -14.63 -17.52
N ARG A 138 -15.11 -15.84 -17.09
CA ARG A 138 -14.95 -16.14 -15.68
C ARG A 138 -13.51 -16.55 -15.49
N PRO A 139 -12.74 -15.69 -14.82
CA PRO A 139 -11.29 -15.93 -14.71
C PRO A 139 -11.01 -17.14 -13.82
N PRO A 140 -10.17 -18.06 -14.30
CA PRO A 140 -9.68 -19.15 -13.45
C PRO A 140 -9.03 -18.59 -12.18
N TYR A 141 -9.49 -19.09 -11.03
CA TYR A 141 -8.98 -18.69 -9.71
C TYR A 141 -9.47 -17.33 -9.25
N GLY A 142 -10.48 -16.78 -9.94
CA GLY A 142 -10.98 -15.45 -9.65
C GLY A 142 -10.07 -14.40 -10.25
N SER A 143 -10.51 -13.14 -10.31
CA SER A 143 -9.73 -12.09 -10.99
C SER A 143 -8.73 -11.39 -10.08
N MET A 144 -8.90 -11.65 -8.79
CA MET A 144 -8.06 -11.09 -7.73
C MET A 144 -7.01 -12.05 -7.25
N PRO A 145 -5.73 -11.61 -7.25
CA PRO A 145 -5.15 -10.38 -7.79
C PRO A 145 -4.61 -10.60 -9.21
N GLY A 146 -4.85 -11.80 -9.74
CA GLY A 146 -4.26 -12.25 -10.99
C GLY A 146 -4.45 -11.28 -12.12
N LEU A 147 -5.61 -10.63 -12.17
CA LEU A 147 -5.94 -9.79 -13.31
C LEU A 147 -5.57 -8.35 -13.06
N ASN A 148 -4.31 -8.02 -13.34
CA ASN A 148 -3.82 -6.72 -12.96
C ASN A 148 -4.40 -5.55 -13.77
N GLU A 149 -3.96 -4.34 -13.47
CA GLU A 149 -4.54 -3.13 -14.07
C GLU A 149 -4.30 -3.14 -15.58
N GLY A 150 -3.14 -3.64 -15.98
CA GLY A 150 -2.81 -3.75 -17.39
C GLY A 150 -3.73 -4.71 -18.12
N LEU A 151 -3.84 -5.93 -17.61
CA LEU A 151 -4.68 -6.94 -18.24
C LEU A 151 -6.14 -6.52 -18.19
N ARG A 152 -6.55 -5.88 -17.10
CA ARG A 152 -7.91 -5.39 -17.06
C ARG A 152 -8.24 -4.38 -18.16
N ASN A 153 -7.22 -3.70 -18.69
CA ASN A 153 -7.44 -2.82 -19.86
C ASN A 153 -7.70 -3.67 -21.09
N LYS A 154 -6.83 -4.65 -21.32
CA LYS A 154 -6.89 -5.53 -22.47
C LYS A 154 -8.27 -6.21 -22.58
N VAL A 155 -8.78 -6.69 -21.46
CA VAL A 155 -10.09 -7.28 -21.37
C VAL A 155 -11.16 -6.28 -21.76
N VAL A 156 -11.01 -5.05 -21.30
CA VAL A 156 -11.95 -4.01 -21.65
C VAL A 156 -11.85 -3.72 -23.17
N GLU A 157 -10.62 -3.65 -23.66
CA GLU A 157 -10.36 -3.41 -25.07
C GLU A 157 -10.84 -4.52 -26.02
N GLY A 158 -10.65 -5.76 -25.63
CA GLY A 158 -11.08 -6.89 -26.43
C GLY A 158 -12.59 -7.02 -26.51
N GLY A 159 -13.30 -6.27 -25.69
CA GLY A 159 -14.75 -6.35 -25.70
C GLY A 159 -15.30 -7.32 -24.66
N PHE A 160 -14.42 -7.86 -23.80
CA PHE A 160 -14.83 -8.85 -22.80
C PHE A 160 -15.29 -8.23 -21.48
N LYS A 161 -16.19 -8.94 -20.81
CA LYS A 161 -16.47 -8.66 -19.43
C LYS A 161 -15.81 -9.75 -18.62
N VAL A 162 -15.85 -9.58 -17.31
CA VAL A 162 -15.29 -10.54 -16.37
C VAL A 162 -16.29 -10.73 -15.24
N TRP A 163 -16.57 -11.97 -14.88
CA TRP A 163 -17.38 -12.23 -13.71
C TRP A 163 -16.73 -13.17 -12.68
N ASP A 164 -16.70 -12.69 -11.44
CA ASP A 164 -16.37 -13.51 -10.28
C ASP A 164 -17.69 -14.01 -9.71
N TRP A 165 -17.76 -14.20 -8.40
CA TRP A 165 -18.99 -14.71 -7.76
C TRP A 165 -19.26 -13.99 -6.43
N THR A 166 -20.42 -14.23 -5.85
CA THR A 166 -20.70 -13.70 -4.53
C THR A 166 -20.68 -14.85 -3.55
N ILE A 167 -21.06 -16.03 -4.03
CA ILE A 167 -21.12 -17.19 -3.17
C ILE A 167 -20.22 -18.32 -3.64
N ASP A 168 -19.40 -18.84 -2.74
CA ASP A 168 -18.56 -19.99 -3.07
C ASP A 168 -19.13 -21.24 -2.41
N SER A 169 -19.51 -22.20 -3.25
CA SER A 169 -20.06 -23.49 -2.82
C SER A 169 -19.10 -24.35 -2.01
N LEU A 170 -17.80 -24.15 -2.23
CA LEU A 170 -16.76 -24.94 -1.56
C LEU A 170 -16.85 -26.42 -1.93
N ASP A 171 -17.46 -26.73 -3.07
CA ASP A 171 -17.68 -28.12 -3.45
C ASP A 171 -16.38 -28.95 -3.56
N TRP A 172 -15.26 -28.29 -3.81
CA TRP A 172 -13.99 -28.99 -4.00
C TRP A 172 -13.46 -29.60 -2.69
N ARG A 173 -13.93 -29.08 -1.55
CA ARG A 173 -13.53 -29.62 -0.26
C ARG A 173 -13.94 -31.07 -0.17
N TYR A 174 -15.14 -31.36 -0.65
CA TYR A 174 -15.77 -32.66 -0.44
C TYR A 174 -15.56 -33.63 -1.60
N ASN A 175 -14.47 -33.46 -2.35
CA ASN A 175 -14.21 -34.28 -3.53
C ASN A 175 -13.77 -35.69 -3.20
N LYS A 176 -14.04 -36.60 -4.14
CA LYS A 176 -13.76 -38.02 -3.97
C LYS A 176 -14.35 -38.51 -2.66
N MET A 177 -15.50 -37.96 -2.29
CA MET A 177 -16.15 -38.28 -1.02
C MET A 177 -17.59 -38.74 -1.23
N PRO A 178 -18.11 -39.54 -0.28
CA PRO A 178 -19.50 -40.02 -0.29
C PRO A 178 -20.49 -38.93 -0.69
N VAL A 179 -21.02 -39.11 -1.89
CA VAL A 179 -21.71 -38.06 -2.64
C VAL A 179 -22.95 -37.56 -1.94
N ASP A 180 -23.76 -38.46 -1.42
CA ASP A 180 -25.06 -38.04 -0.92
C ASP A 180 -24.82 -37.11 0.26
N ALA A 181 -23.89 -37.54 1.11
CA ALA A 181 -23.50 -36.77 2.29
C ALA A 181 -22.90 -35.43 1.88
N ALA A 182 -21.89 -35.49 1.01
CA ALA A 182 -21.21 -34.29 0.54
C ALA A 182 -22.18 -33.25 -0.01
N ALA A 183 -22.93 -33.63 -1.05
CA ALA A 183 -23.87 -32.72 -1.72
C ALA A 183 -24.78 -31.95 -0.77
N ALA A 184 -25.35 -32.68 0.19
CA ALA A 184 -26.24 -32.08 1.18
C ALA A 184 -25.60 -30.85 1.84
N GLN A 185 -24.34 -31.01 2.25
CA GLN A 185 -23.58 -29.93 2.87
C GLN A 185 -23.42 -28.75 1.92
N ILE A 186 -22.98 -29.05 0.70
CA ILE A 186 -22.73 -28.05 -0.32
C ILE A 186 -23.96 -27.18 -0.59
N ALA A 187 -25.12 -27.82 -0.70
CA ALA A 187 -26.36 -27.08 -0.86
C ALA A 187 -26.57 -26.09 0.29
N GLN A 188 -26.40 -26.57 1.51
CA GLN A 188 -26.52 -25.71 2.68
C GLN A 188 -25.48 -24.58 2.67
N ASN A 189 -24.26 -24.89 2.24
CA ASN A 189 -23.20 -23.87 2.13
C ASN A 189 -23.66 -22.66 1.33
N VAL A 190 -24.53 -22.86 0.35
CA VAL A 190 -24.92 -21.73 -0.47
C VAL A 190 -26.20 -21.13 0.06
N LEU A 191 -27.02 -21.96 0.71
CA LEU A 191 -28.30 -21.50 1.21
C LEU A 191 -28.09 -20.55 2.36
N THR A 192 -27.05 -20.80 3.14
CA THR A 192 -26.72 -19.94 4.26
C THR A 192 -26.32 -18.55 3.78
N ASN A 193 -25.56 -18.51 2.70
CA ASN A 193 -25.06 -17.24 2.18
C ASN A 193 -25.98 -16.59 1.16
N ALA A 194 -27.18 -17.12 1.02
CA ALA A 194 -28.18 -16.48 0.18
C ALA A 194 -28.90 -15.36 0.94
N THR A 195 -28.46 -14.12 0.73
CA THR A 195 -29.03 -12.99 1.47
C THR A 195 -29.29 -11.77 0.58
N LYS A 196 -28.46 -11.60 -0.46
CA LYS A 196 -28.52 -10.39 -1.28
C LYS A 196 -29.56 -10.54 -2.38
N PRO A 197 -30.03 -9.41 -2.94
CA PRO A 197 -30.96 -9.37 -4.08
C PRO A 197 -30.44 -10.12 -5.30
N GLN A 198 -29.19 -9.86 -5.72
CA GLN A 198 -28.58 -10.69 -6.77
C GLN A 198 -27.47 -11.53 -6.16
N GLU A 199 -27.35 -12.77 -6.64
CA GLU A 199 -26.28 -13.66 -6.20
C GLU A 199 -25.73 -14.42 -7.38
N VAL A 200 -24.42 -14.60 -7.39
CA VAL A 200 -23.73 -15.35 -8.43
C VAL A 200 -23.02 -16.50 -7.74
N ILE A 201 -23.50 -17.72 -7.95
CA ILE A 201 -22.96 -18.85 -7.21
C ILE A 201 -21.96 -19.68 -8.02
N LEU A 202 -20.81 -19.91 -7.42
CA LEU A 202 -19.74 -20.67 -8.04
C LEU A 202 -19.95 -22.15 -7.76
N MET A 203 -20.13 -22.92 -8.83
CA MET A 203 -20.13 -24.38 -8.74
C MET A 203 -19.26 -24.98 -9.83
N HIS A 204 -19.04 -26.29 -9.76
CA HIS A 204 -18.26 -26.98 -10.78
C HIS A 204 -18.99 -28.26 -11.22
N ASP A 205 -19.41 -28.35 -12.48
CA ASP A 205 -20.19 -29.51 -12.93
C ASP A 205 -19.30 -30.65 -13.45
N ILE A 206 -18.00 -30.53 -13.17
CA ILE A 206 -17.06 -31.62 -13.37
C ILE A 206 -16.98 -32.44 -12.07
N HIS A 207 -17.77 -32.05 -11.07
CA HIS A 207 -17.78 -32.72 -9.77
C HIS A 207 -19.15 -33.31 -9.49
N PRO A 208 -19.19 -34.59 -9.12
CA PRO A 208 -20.43 -35.30 -8.79
C PRO A 208 -21.16 -34.76 -7.56
N GLN A 209 -20.43 -34.40 -6.50
CA GLN A 209 -21.04 -33.89 -5.27
C GLN A 209 -21.75 -32.58 -5.52
N SER A 210 -21.16 -31.78 -6.40
CA SER A 210 -21.70 -30.49 -6.80
C SER A 210 -23.01 -30.61 -7.57
N VAL A 211 -23.03 -31.47 -8.58
CA VAL A 211 -24.24 -31.68 -9.36
C VAL A 211 -25.32 -32.27 -8.48
N ALA A 212 -24.91 -33.16 -7.59
CA ALA A 212 -25.82 -33.78 -6.65
C ALA A 212 -26.41 -32.74 -5.71
N ALA A 213 -25.64 -31.68 -5.44
CA ALA A 213 -26.07 -30.64 -4.52
C ALA A 213 -27.13 -29.75 -5.15
N VAL A 214 -27.09 -29.65 -6.47
CA VAL A 214 -27.89 -28.69 -7.22
C VAL A 214 -29.40 -28.81 -6.98
N PRO A 215 -29.93 -30.04 -6.90
CA PRO A 215 -31.38 -30.09 -6.61
C PRO A 215 -31.81 -29.31 -5.37
N ALA A 216 -31.14 -29.54 -4.24
CA ALA A 216 -31.52 -28.90 -2.97
C ALA A 216 -31.39 -27.38 -3.02
N ILE A 217 -30.36 -26.89 -3.72
CA ILE A 217 -30.20 -25.45 -3.86
C ILE A 217 -31.43 -24.87 -4.56
N LEU A 218 -31.83 -25.53 -5.64
CA LEU A 218 -32.95 -25.08 -6.45
C LEU A 218 -34.23 -25.02 -5.63
N LYS A 219 -34.42 -25.99 -4.75
CA LYS A 219 -35.58 -26.02 -3.86
C LYS A 219 -35.43 -25.00 -2.73
N GLY A 220 -34.24 -24.92 -2.15
CA GLY A 220 -33.97 -24.02 -1.06
C GLY A 220 -34.04 -22.54 -1.41
N LEU A 221 -33.56 -22.18 -2.59
CA LEU A 221 -33.55 -20.79 -3.01
C LEU A 221 -34.93 -20.34 -3.49
N LYS A 222 -35.69 -21.27 -4.09
CA LYS A 222 -37.04 -20.97 -4.54
C LYS A 222 -37.91 -20.62 -3.34
N GLU A 223 -37.57 -21.19 -2.19
CA GLU A 223 -38.28 -20.89 -0.95
C GLU A 223 -37.83 -19.56 -0.38
N LYS A 224 -36.65 -19.11 -0.78
CA LYS A 224 -36.14 -17.82 -0.33
C LYS A 224 -36.64 -16.70 -1.23
N GLY A 225 -37.49 -17.04 -2.19
CA GLY A 225 -38.05 -16.04 -3.08
C GLY A 225 -37.19 -15.77 -4.30
N TYR A 226 -36.16 -16.58 -4.50
CA TYR A 226 -35.21 -16.41 -5.60
C TYR A 226 -35.74 -16.93 -6.93
N GLU A 227 -35.29 -16.33 -8.01
CA GLU A 227 -35.56 -16.88 -9.34
C GLU A 227 -34.22 -17.14 -10.00
N PHE A 228 -34.16 -18.15 -10.85
CA PHE A 228 -32.89 -18.61 -11.42
C PHE A 228 -32.76 -18.27 -12.89
N GLU A 229 -31.97 -17.25 -13.19
CA GLU A 229 -31.86 -16.81 -14.58
C GLU A 229 -30.42 -17.01 -15.02
N ALA A 230 -30.22 -17.24 -16.32
CA ALA A 230 -28.88 -17.21 -16.90
C ALA A 230 -28.39 -15.75 -17.06
N TYR A 231 -27.08 -15.57 -17.08
CA TYR A 231 -26.51 -14.31 -17.50
C TYR A 231 -26.99 -13.90 -18.90
N HIS A 232 -27.40 -12.64 -19.06
CA HIS A 232 -27.74 -12.08 -20.36
C HIS A 232 -26.93 -10.81 -20.62
N GLU A 233 -26.27 -10.75 -21.78
CA GLU A 233 -25.26 -9.72 -22.06
C GLU A 233 -25.82 -8.29 -22.10
N GLU A 234 -27.03 -8.13 -22.63
CA GLU A 234 -27.67 -6.82 -22.65
C GLU A 234 -28.06 -6.39 -21.25
N SER A 235 -28.11 -7.35 -20.33
CA SER A 235 -28.38 -7.05 -18.93
C SER A 235 -27.13 -6.96 -18.07
N HIS A 236 -25.95 -6.80 -18.69
CA HIS A 236 -24.69 -6.91 -17.93
C HIS A 236 -24.59 -5.92 -16.79
N PHE A 237 -24.09 -6.41 -15.67
CA PHE A 237 -23.74 -5.57 -14.55
C PHE A 237 -22.50 -6.14 -13.87
N PRO A 238 -21.63 -5.25 -13.34
CA PRO A 238 -20.35 -5.61 -12.73
C PRO A 238 -20.46 -6.55 -11.55
N VAL A 239 -19.72 -7.65 -11.57
CA VAL A 239 -19.48 -8.48 -10.39
C VAL A 239 -18.04 -8.96 -10.43
N ASN A 240 -17.11 -8.10 -10.02
CA ASN A 240 -15.71 -8.47 -10.08
C ASN A 240 -14.93 -7.96 -8.86
N PHE A 241 -14.16 -8.87 -8.27
CA PHE A 241 -13.43 -8.61 -7.04
C PHE A 241 -12.73 -7.26 -7.05
N TRP A 242 -12.31 -6.81 -8.23
CA TRP A 242 -11.68 -5.50 -8.32
C TRP A 242 -12.70 -4.37 -8.26
N HIS A 243 -13.99 -4.72 -8.27
CA HIS A 243 -15.07 -3.74 -8.37
C HIS A 243 -14.84 -2.83 -9.55
N ASP A 244 -14.28 -3.40 -10.62
CA ASP A 244 -13.96 -2.63 -11.82
C ASP A 244 -15.20 -2.60 -12.67
N ASN A 245 -15.77 -1.43 -12.84
CA ASN A 245 -17.11 -1.36 -13.38
C ASN A 245 -17.10 -1.23 -14.90
N ARG A 246 -15.91 -1.32 -15.49
CA ARG A 246 -15.80 -1.41 -16.93
C ARG A 246 -15.97 -2.88 -17.35
N MET A 247 -15.83 -3.80 -16.38
CA MET A 247 -16.07 -5.22 -16.63
C MET A 247 -17.29 -5.75 -15.87
N ARG B 42 -6.14 31.87 2.37
CA ARG B 42 -5.47 31.78 1.08
C ARG B 42 -4.99 30.36 0.83
N LYS B 43 -5.88 29.38 1.00
CA LYS B 43 -5.48 27.98 0.81
C LYS B 43 -5.54 27.57 -0.67
N VAL B 44 -4.44 27.01 -1.16
CA VAL B 44 -4.36 26.57 -2.55
C VAL B 44 -3.83 25.15 -2.62
N ALA B 45 -4.59 24.25 -3.23
CA ALA B 45 -4.11 22.90 -3.42
C ALA B 45 -3.53 22.80 -4.81
N TYR B 46 -2.28 22.35 -4.91
CA TYR B 46 -1.78 22.03 -6.24
C TYR B 46 -1.78 20.51 -6.40
N LEU B 47 -2.85 19.99 -7.02
CA LEU B 47 -2.88 18.59 -7.43
C LEU B 47 -1.93 18.40 -8.59
N THR B 48 -0.99 17.50 -8.44
CA THR B 48 -0.06 17.20 -9.51
C THR B 48 -0.26 15.75 -9.94
N PHE B 49 -0.14 15.51 -11.23
CA PHE B 49 -0.30 14.17 -11.73
C PHE B 49 0.91 13.79 -12.57
N ASP B 50 1.51 12.64 -12.24
CA ASP B 50 2.78 12.22 -12.80
C ASP B 50 2.71 11.03 -13.77
N ASP B 51 3.69 10.97 -14.68
CA ASP B 51 3.96 9.87 -15.64
C ASP B 51 2.94 9.78 -16.80
N GLY B 52 2.05 10.75 -16.93
CA GLY B 52 1.02 10.69 -17.96
C GLY B 52 1.47 11.14 -19.34
N PRO B 53 0.52 11.32 -20.27
CA PRO B 53 -0.90 11.01 -20.02
C PRO B 53 -1.18 9.50 -20.12
N GLY B 54 -2.40 9.07 -19.80
CA GLY B 54 -2.79 7.67 -19.86
C GLY B 54 -4.26 7.40 -20.15
N LYS B 55 -4.65 6.13 -20.17
CA LYS B 55 -6.00 5.76 -20.60
C LYS B 55 -7.08 6.14 -19.59
N TYR B 56 -6.68 6.77 -18.49
CA TYR B 56 -7.63 7.19 -17.47
C TYR B 56 -7.68 8.70 -17.42
N THR B 57 -6.87 9.33 -18.27
CA THR B 57 -6.60 10.77 -18.16
C THR B 57 -7.80 11.65 -18.53
N ALA B 58 -8.49 11.31 -19.61
CA ALA B 58 -9.67 12.06 -20.05
C ALA B 58 -10.78 12.00 -18.99
N GLU B 59 -11.04 10.80 -18.49
CA GLU B 59 -11.83 10.63 -17.28
C GLU B 59 -11.42 11.58 -16.12
N LEU B 60 -10.13 11.60 -15.76
CA LEU B 60 -9.65 12.53 -14.76
C LEU B 60 -9.88 13.95 -15.26
N LEU B 61 -9.64 14.17 -16.55
CA LEU B 61 -9.84 15.49 -17.16
C LEU B 61 -11.29 15.95 -17.11
N ASN B 62 -12.25 15.03 -17.11
CA ASN B 62 -13.65 15.45 -17.03
C ASN B 62 -14.04 15.77 -15.60
N THR B 63 -13.47 15.03 -14.65
CA THR B 63 -13.80 15.21 -13.25
C THR B 63 -13.21 16.52 -12.74
N LEU B 64 -12.02 16.84 -13.24
CA LEU B 64 -11.45 18.16 -13.03
C LEU B 64 -12.38 19.25 -13.55
N LYS B 65 -12.77 19.13 -14.82
CA LYS B 65 -13.64 20.11 -15.47
C LYS B 65 -14.97 20.31 -14.74
N GLN B 66 -15.62 19.22 -14.37
CA GLN B 66 -16.93 19.29 -13.72
C GLN B 66 -16.89 19.94 -12.34
N HIS B 67 -15.68 20.04 -11.78
CA HIS B 67 -15.46 20.67 -10.48
C HIS B 67 -14.81 22.04 -10.58
N ASP B 68 -14.93 22.67 -11.76
CA ASP B 68 -14.08 23.78 -12.22
C ASP B 68 -12.80 23.93 -11.38
N ALA B 69 -11.97 22.90 -11.44
CA ALA B 69 -10.73 22.86 -10.69
C ALA B 69 -9.53 22.66 -11.64
N LYS B 70 -8.46 23.38 -11.37
CA LYS B 70 -7.27 23.30 -12.22
C LYS B 70 -6.13 22.56 -11.53
N ALA B 71 -5.27 21.94 -12.32
CA ALA B 71 -4.22 21.06 -11.79
C ALA B 71 -3.01 21.10 -12.69
N THR B 72 -2.03 20.23 -12.43
CA THR B 72 -0.79 20.34 -13.20
C THR B 72 -0.25 18.96 -13.52
N PHE B 73 0.34 18.81 -14.69
CA PHE B 73 0.65 17.47 -15.22
C PHE B 73 2.09 17.38 -15.67
N PHE B 74 2.77 16.34 -15.18
CA PHE B 74 4.15 16.09 -15.56
C PHE B 74 4.17 14.85 -16.38
N LEU B 75 4.73 14.94 -17.58
CA LEU B 75 4.48 13.89 -18.54
C LEU B 75 5.76 13.25 -19.02
N ILE B 76 5.67 11.98 -19.37
CA ILE B 76 6.78 11.22 -19.91
C ILE B 76 6.79 11.35 -21.43
N GLY B 77 7.98 11.35 -22.02
CA GLY B 77 8.14 11.59 -23.43
C GLY B 77 7.47 10.56 -24.31
N ALA B 78 7.38 9.33 -23.83
CA ALA B 78 6.75 8.28 -24.64
C ALA B 78 5.24 8.47 -24.70
N ASN B 79 4.72 9.14 -23.68
CA ASN B 79 3.27 9.34 -23.55
C ASN B 79 2.79 10.64 -24.14
N VAL B 80 3.66 11.64 -24.17
CA VAL B 80 3.30 12.87 -24.86
C VAL B 80 3.16 12.55 -26.34
N LYS B 81 3.90 11.54 -26.79
CA LYS B 81 3.90 11.11 -28.19
C LYS B 81 2.72 10.20 -28.55
N GLU B 82 2.42 9.26 -27.67
CA GLU B 82 1.32 8.35 -27.89
C GLU B 82 -0.01 9.06 -27.73
N PHE B 83 -0.07 10.05 -26.86
CA PHE B 83 -1.34 10.65 -26.47
C PHE B 83 -1.39 12.13 -26.76
N PRO B 84 -0.88 12.56 -27.92
CA PRO B 84 -0.70 13.99 -28.12
C PRO B 84 -2.00 14.80 -27.96
N ASP B 85 -3.16 14.21 -28.27
CA ASP B 85 -4.43 14.91 -28.09
C ASP B 85 -4.71 15.28 -26.63
N LEU B 86 -4.55 14.32 -25.74
CA LEU B 86 -4.77 14.52 -24.30
C LEU B 86 -3.86 15.62 -23.70
N VAL B 87 -2.62 15.67 -24.18
CA VAL B 87 -1.69 16.75 -23.85
C VAL B 87 -2.28 18.12 -24.15
N LYS B 88 -2.59 18.28 -25.42
CA LYS B 88 -3.20 19.48 -25.99
C LYS B 88 -4.47 19.84 -25.26
N ARG B 89 -5.27 18.83 -24.93
CA ARG B 89 -6.47 19.07 -24.16
C ARG B 89 -6.17 19.54 -22.73
N GLU B 90 -5.25 18.86 -22.02
CA GLU B 90 -4.87 19.24 -20.64
C GLU B 90 -4.60 20.73 -20.56
N ASN B 91 -3.71 21.15 -21.44
CA ASN B 91 -3.39 22.54 -21.58
C ASN B 91 -4.62 23.36 -21.95
N ALA B 92 -5.40 22.87 -22.90
CA ALA B 92 -6.58 23.59 -23.33
C ALA B 92 -7.60 23.77 -22.20
N GLU B 93 -7.77 22.79 -21.33
CA GLU B 93 -8.79 22.89 -20.27
C GLU B 93 -8.34 23.72 -19.04
N GLY B 94 -7.10 24.20 -19.04
CA GLY B 94 -6.65 25.12 -18.00
C GLY B 94 -5.67 24.53 -16.99
N HIS B 95 -4.74 23.73 -17.45
CA HIS B 95 -3.87 23.02 -16.53
C HIS B 95 -2.45 23.25 -16.95
N TYR B 96 -1.54 23.10 -15.99
CA TYR B 96 -0.13 23.27 -16.31
C TYR B 96 0.39 21.96 -16.79
N VAL B 97 1.07 22.00 -17.92
CA VAL B 97 1.72 20.81 -18.40
C VAL B 97 3.23 21.02 -18.30
N GLY B 98 3.86 20.27 -17.42
CA GLY B 98 5.30 20.36 -17.25
C GLY B 98 5.92 19.01 -17.54
N MET B 99 7.25 18.96 -17.56
CA MET B 99 7.98 17.73 -17.91
C MET B 99 8.19 16.75 -16.74
N HIS B 100 8.57 15.50 -17.06
CA HIS B 100 8.87 14.44 -16.08
C HIS B 100 9.84 13.45 -16.73
N SER B 101 10.60 13.96 -17.71
CA SER B 101 11.66 13.24 -18.44
C SER B 101 11.13 12.36 -19.56
N MET B 102 12.09 11.69 -20.19
CA MET B 102 11.87 10.77 -21.28
C MET B 102 11.88 9.33 -20.83
N THR B 103 12.93 8.96 -20.10
CA THR B 103 13.14 7.57 -19.71
C THR B 103 12.62 7.21 -18.32
N HIS B 104 12.46 8.20 -17.45
CA HIS B 104 12.09 7.97 -16.04
C HIS B 104 13.03 6.94 -15.41
N ASN B 105 14.26 6.93 -15.91
CA ASN B 105 15.33 6.04 -15.51
C ASN B 105 16.29 6.80 -14.61
N PHE B 106 16.35 6.40 -13.35
CA PHE B 106 17.24 7.02 -12.35
C PHE B 106 18.70 7.00 -12.77
N ALA B 107 19.17 5.81 -13.16
CA ALA B 107 20.55 5.63 -13.58
C ALA B 107 20.91 6.61 -14.67
N LYS B 108 20.03 6.71 -15.67
CA LYS B 108 20.20 7.66 -16.77
C LYS B 108 20.05 9.10 -16.29
N LEU B 109 19.04 9.37 -15.48
CA LEU B 109 18.73 10.72 -15.06
C LEU B 109 19.79 11.38 -14.20
N TYR B 110 20.26 10.66 -13.18
CA TYR B 110 21.03 11.30 -12.11
C TYR B 110 22.46 10.81 -11.96
N LYS B 111 22.68 9.50 -12.13
CA LYS B 111 24.04 8.96 -12.04
C LYS B 111 24.89 9.42 -13.23
N ASN B 112 24.28 9.39 -14.42
CA ASN B 112 24.96 9.83 -15.63
C ASN B 112 24.56 11.25 -16.01
N GLY B 113 23.60 11.79 -15.29
CA GLY B 113 23.29 13.21 -15.35
C GLY B 113 22.62 13.65 -16.62
N GLU B 114 21.69 12.84 -17.13
CA GLU B 114 20.99 13.15 -18.37
C GLU B 114 19.76 14.01 -18.11
N TYR B 115 19.41 14.12 -16.84
CA TYR B 115 18.22 14.83 -16.40
C TYR B 115 17.76 16.01 -17.28
N VAL B 116 18.54 17.08 -17.34
CA VAL B 116 18.09 18.28 -18.02
C VAL B 116 17.96 18.04 -19.53
N ASN B 117 18.89 17.28 -20.11
CA ASN B 117 18.77 16.88 -21.51
C ASN B 117 17.43 16.22 -21.78
N GLU B 118 16.99 15.40 -20.84
CA GLU B 118 15.73 14.70 -21.03
C GLU B 118 14.57 15.62 -20.73
N MET B 119 14.82 16.69 -19.99
CA MET B 119 13.76 17.63 -19.70
C MET B 119 13.67 18.65 -20.84
N LYS B 120 14.77 18.82 -21.57
CA LYS B 120 14.83 19.71 -22.71
C LYS B 120 14.17 19.05 -23.94
N GLU B 121 14.47 17.77 -24.12
CA GLU B 121 13.87 16.97 -25.18
C GLU B 121 12.38 16.81 -24.95
N ASP B 122 12.03 16.44 -23.72
CA ASP B 122 10.64 16.31 -23.35
C ASP B 122 9.90 17.63 -23.52
N GLN B 123 10.59 18.72 -23.21
CA GLN B 123 10.03 20.07 -23.41
C GLN B 123 9.66 20.33 -24.88
N GLY B 124 10.59 20.03 -25.78
CA GLY B 124 10.40 20.20 -27.21
C GLY B 124 9.15 19.51 -27.74
N LEU B 125 8.98 18.24 -27.42
CA LEU B 125 7.78 17.51 -27.76
C LEU B 125 6.53 18.26 -27.33
N ILE B 126 6.55 18.73 -26.08
CA ILE B 126 5.38 19.34 -25.47
C ILE B 126 5.08 20.71 -26.11
N ALA B 127 6.11 21.42 -26.55
CA ALA B 127 5.92 22.71 -27.22
C ALA B 127 5.24 22.51 -28.56
N ASN B 128 5.81 21.60 -29.35
CA ASN B 128 5.27 21.19 -30.63
C ASN B 128 3.77 20.91 -30.61
N ILE B 129 3.26 20.58 -29.43
CA ILE B 129 1.84 20.28 -29.27
C ILE B 129 1.04 21.49 -28.73
N ILE B 130 1.61 22.25 -27.80
CA ILE B 130 0.82 23.33 -27.21
C ILE B 130 1.39 24.75 -27.39
N GLY B 131 2.51 24.89 -28.08
CA GLY B 131 3.03 26.21 -28.40
C GLY B 131 3.78 26.89 -27.27
N LYS B 132 3.67 26.34 -26.07
CA LYS B 132 4.42 26.82 -24.91
C LYS B 132 5.66 25.95 -24.68
N SER B 133 6.75 26.54 -24.22
CA SER B 133 7.88 25.74 -23.75
C SER B 133 7.91 25.80 -22.23
N PRO B 134 7.30 24.82 -21.55
CA PRO B 134 7.12 24.92 -20.11
C PRO B 134 8.48 24.90 -19.43
N LYS B 135 8.58 25.37 -18.19
CA LYS B 135 9.89 25.42 -17.56
C LYS B 135 10.01 24.57 -16.29
N LEU B 136 8.89 24.23 -15.65
CA LEU B 136 8.89 23.40 -14.44
C LEU B 136 9.05 21.91 -14.72
N THR B 137 9.96 21.27 -13.98
CA THR B 137 10.18 19.85 -14.15
C THR B 137 9.86 19.13 -12.85
N ARG B 138 9.53 17.85 -12.96
CA ARG B 138 9.44 17.01 -11.76
C ARG B 138 10.32 15.78 -11.89
N PRO B 139 11.27 15.64 -10.95
CA PRO B 139 12.23 14.53 -11.00
C PRO B 139 11.53 13.20 -10.76
N PRO B 140 11.69 12.25 -11.67
CA PRO B 140 11.25 10.90 -11.32
C PRO B 140 11.95 10.45 -10.05
N TYR B 141 11.18 9.85 -9.15
CA TYR B 141 11.68 9.37 -7.86
C TYR B 141 12.04 10.50 -6.91
N GLY B 142 11.67 11.72 -7.30
CA GLY B 142 11.94 12.95 -6.53
C GLY B 142 13.39 13.41 -6.62
N SER B 143 13.63 14.70 -6.37
CA SER B 143 14.99 15.24 -6.43
C SER B 143 15.95 14.62 -5.39
N MET B 144 15.41 14.14 -4.27
CA MET B 144 16.25 13.53 -3.24
C MET B 144 16.35 12.02 -3.37
N PRO B 145 17.57 11.47 -3.53
CA PRO B 145 18.85 12.18 -3.59
C PRO B 145 19.42 12.32 -5.02
N GLY B 146 18.63 12.09 -6.05
CA GLY B 146 19.15 12.08 -7.41
C GLY B 146 19.74 13.40 -7.92
N LEU B 147 19.01 14.48 -7.68
CA LEU B 147 19.45 15.81 -8.06
C LEU B 147 20.59 16.36 -7.19
N ASN B 148 21.82 15.95 -7.50
CA ASN B 148 22.97 16.45 -6.78
C ASN B 148 23.22 17.92 -7.08
N GLU B 149 24.15 18.55 -6.35
CA GLU B 149 24.53 19.95 -6.59
C GLU B 149 25.02 20.17 -8.01
N GLY B 150 25.65 19.14 -8.57
CA GLY B 150 26.08 19.14 -9.96
C GLY B 150 24.97 19.50 -10.91
N LEU B 151 23.98 18.63 -11.05
CA LEU B 151 22.95 18.91 -12.04
C LEU B 151 21.93 19.94 -11.55
N ARG B 152 21.76 20.08 -10.24
CA ARG B 152 20.95 21.19 -9.72
C ARG B 152 21.46 22.52 -10.28
N ASN B 153 22.76 22.62 -10.51
CA ASN B 153 23.31 23.81 -11.17
C ASN B 153 22.84 23.86 -12.62
N LYS B 154 23.15 22.81 -13.37
CA LYS B 154 22.71 22.71 -14.76
C LYS B 154 21.23 23.03 -14.92
N VAL B 155 20.40 22.60 -13.96
CA VAL B 155 18.97 22.89 -14.00
C VAL B 155 18.68 24.40 -14.00
N VAL B 156 19.37 25.15 -13.14
CA VAL B 156 19.13 26.59 -13.07
C VAL B 156 19.87 27.33 -14.19
N GLU B 157 20.97 26.75 -14.66
CA GLU B 157 21.74 27.34 -15.75
C GLU B 157 20.99 27.09 -17.05
N GLY B 158 20.08 26.12 -17.01
CA GLY B 158 19.24 25.82 -18.16
C GLY B 158 17.91 26.54 -18.14
N GLY B 159 17.62 27.23 -17.04
CA GLY B 159 16.40 28.00 -16.93
C GLY B 159 15.22 27.21 -16.41
N PHE B 160 15.44 25.93 -16.16
CA PHE B 160 14.37 25.03 -15.74
C PHE B 160 14.01 25.25 -14.28
N LYS B 161 12.91 24.64 -13.86
CA LYS B 161 12.55 24.66 -12.45
C LYS B 161 12.10 23.28 -11.98
N VAL B 162 12.20 23.05 -10.67
CA VAL B 162 11.97 21.73 -10.12
C VAL B 162 10.92 21.75 -9.00
N TRP B 163 9.96 20.85 -9.09
CA TRP B 163 8.97 20.70 -8.03
C TRP B 163 8.92 19.28 -7.49
N ASP B 164 9.18 19.13 -6.19
CA ASP B 164 8.82 17.90 -5.50
C ASP B 164 7.38 18.02 -4.99
N TRP B 165 7.12 17.60 -3.74
CA TRP B 165 5.75 17.62 -3.22
C TRP B 165 5.69 17.62 -1.70
N THR B 166 4.59 18.11 -1.16
CA THR B 166 4.45 18.19 0.29
C THR B 166 3.50 17.12 0.84
N ILE B 167 2.67 16.57 -0.04
CA ILE B 167 1.89 15.38 0.29
C ILE B 167 2.20 14.34 -0.74
N ASP B 168 2.33 13.10 -0.28
CA ASP B 168 2.55 11.96 -1.16
C ASP B 168 1.34 11.02 -1.01
N SER B 169 0.35 11.17 -1.89
CA SER B 169 -0.85 10.34 -1.89
C SER B 169 -0.54 8.86 -1.83
N LEU B 170 0.63 8.46 -2.33
CA LEU B 170 1.04 7.04 -2.41
C LEU B 170 0.08 6.21 -3.28
N ASP B 171 -0.68 6.89 -4.13
CA ASP B 171 -1.78 6.28 -4.85
C ASP B 171 -1.35 5.01 -5.57
N TRP B 172 -0.14 5.04 -6.12
CA TRP B 172 0.33 3.99 -6.99
C TRP B 172 0.67 2.70 -6.30
N ARG B 173 0.67 2.69 -4.97
CA ARG B 173 0.94 1.45 -4.26
C ARG B 173 -0.35 0.63 -4.07
N TYR B 174 -1.52 1.28 -4.17
CA TYR B 174 -2.79 0.60 -3.92
C TYR B 174 -3.30 -0.15 -5.16
N ASN B 175 -2.50 -1.09 -5.62
CA ASN B 175 -2.73 -1.72 -6.90
C ASN B 175 -3.13 -3.19 -6.78
N LYS B 176 -3.47 -3.61 -5.57
CA LYS B 176 -3.63 -5.03 -5.25
C LYS B 176 -4.91 -5.25 -4.47
N MET B 177 -5.87 -4.38 -4.68
CA MET B 177 -7.10 -4.37 -3.91
C MET B 177 -8.20 -3.79 -4.77
N PRO B 178 -9.47 -3.97 -4.35
CA PRO B 178 -10.57 -3.29 -5.05
C PRO B 178 -10.26 -1.80 -5.33
N VAL B 179 -10.71 -1.28 -6.46
CA VAL B 179 -10.34 0.08 -6.86
C VAL B 179 -11.11 1.14 -6.05
N ASP B 180 -12.34 0.84 -5.66
CA ASP B 180 -13.09 1.78 -4.84
C ASP B 180 -12.46 1.91 -3.45
N ALA B 181 -11.96 0.79 -2.94
CA ALA B 181 -11.34 0.71 -1.62
C ALA B 181 -10.01 1.41 -1.66
N ALA B 182 -9.29 1.21 -2.75
CA ALA B 182 -8.02 1.88 -2.98
C ALA B 182 -8.26 3.38 -2.99
N ALA B 183 -9.33 3.80 -3.63
CA ALA B 183 -9.56 5.23 -3.78
C ALA B 183 -9.84 5.91 -2.44
N ALA B 184 -10.58 5.22 -1.57
CA ALA B 184 -10.91 5.78 -0.28
C ALA B 184 -9.67 5.97 0.58
N GLN B 185 -8.79 4.97 0.56
CA GLN B 185 -7.57 5.03 1.35
C GLN B 185 -6.65 6.11 0.79
N ILE B 186 -6.57 6.20 -0.53
CA ILE B 186 -5.77 7.23 -1.16
C ILE B 186 -6.35 8.61 -0.88
N ALA B 187 -7.65 8.74 -0.74
CA ALA B 187 -8.19 10.06 -0.41
C ALA B 187 -8.01 10.34 1.07
N GLN B 188 -8.14 9.28 1.87
CA GLN B 188 -7.96 9.41 3.30
C GLN B 188 -6.56 9.97 3.56
N ASN B 189 -5.56 9.33 2.97
CA ASN B 189 -4.17 9.81 2.98
C ASN B 189 -4.03 11.30 2.66
N VAL B 190 -4.61 11.73 1.55
CA VAL B 190 -4.53 13.11 1.12
C VAL B 190 -5.33 14.06 2.00
N LEU B 191 -6.57 13.69 2.33
CA LEU B 191 -7.40 14.56 3.13
C LEU B 191 -6.82 14.83 4.50
N THR B 192 -6.14 13.84 5.09
CA THR B 192 -5.64 13.97 6.45
C THR B 192 -4.21 14.50 6.55
N ASN B 193 -3.59 14.78 5.41
CA ASN B 193 -2.24 15.34 5.43
C ASN B 193 -2.19 16.81 4.95
N ALA B 194 -3.33 17.36 4.55
CA ALA B 194 -3.38 18.75 4.13
C ALA B 194 -3.62 19.65 5.32
N THR B 195 -2.70 20.57 5.56
CA THR B 195 -2.80 21.43 6.74
C THR B 195 -2.13 22.77 6.47
N LYS B 196 -1.00 22.72 5.77
CA LYS B 196 -0.21 23.91 5.47
C LYS B 196 -0.97 24.78 4.47
N PRO B 197 -0.72 26.09 4.49
CA PRO B 197 -1.41 27.05 3.61
C PRO B 197 -1.38 26.63 2.15
N GLN B 198 -0.27 26.05 1.70
CA GLN B 198 -0.18 25.41 0.38
C GLN B 198 0.12 23.92 0.55
N GLU B 199 -0.42 23.10 -0.35
CA GLU B 199 -0.03 21.69 -0.38
C GLU B 199 0.11 21.21 -1.85
N VAL B 200 1.22 20.52 -2.13
CA VAL B 200 1.45 19.95 -3.43
C VAL B 200 1.25 18.45 -3.34
N ILE B 201 0.19 17.99 -3.97
CA ILE B 201 -0.24 16.62 -3.83
C ILE B 201 0.27 15.80 -4.98
N LEU B 202 0.92 14.69 -4.66
CA LEU B 202 1.52 13.88 -5.70
C LEU B 202 0.55 12.78 -6.02
N MET B 203 0.18 12.68 -7.28
CA MET B 203 -0.62 11.57 -7.77
C MET B 203 -0.12 11.18 -9.15
N HIS B 204 -0.52 10.01 -9.61
CA HIS B 204 -0.23 9.60 -10.97
C HIS B 204 -1.53 9.35 -11.69
N ASP B 205 -1.71 9.93 -12.87
CA ASP B 205 -3.00 9.78 -13.55
C ASP B 205 -3.01 8.51 -14.41
N ILE B 206 -2.00 7.68 -14.22
CA ILE B 206 -1.87 6.49 -15.04
C ILE B 206 -2.32 5.23 -14.31
N HIS B 207 -2.91 5.40 -13.13
CA HIS B 207 -3.47 4.26 -12.40
C HIS B 207 -4.93 4.54 -12.11
N PRO B 208 -5.80 3.55 -12.35
CA PRO B 208 -7.23 3.74 -12.12
C PRO B 208 -7.57 4.21 -10.70
N GLN B 209 -6.93 3.64 -9.67
CA GLN B 209 -7.31 3.94 -8.29
C GLN B 209 -7.07 5.43 -7.94
N SER B 210 -6.15 6.06 -8.66
CA SER B 210 -5.85 7.47 -8.47
C SER B 210 -7.00 8.38 -8.93
N VAL B 211 -7.37 8.27 -10.20
CA VAL B 211 -8.38 9.14 -10.76
C VAL B 211 -9.75 8.96 -10.09
N ALA B 212 -9.95 7.81 -9.45
CA ALA B 212 -11.18 7.51 -8.71
C ALA B 212 -11.20 8.17 -7.35
N ALA B 213 -10.01 8.49 -6.84
CA ALA B 213 -9.86 9.16 -5.57
C ALA B 213 -10.05 10.68 -5.67
N VAL B 214 -9.79 11.25 -6.84
CA VAL B 214 -9.87 12.71 -6.98
C VAL B 214 -11.29 13.27 -6.79
N PRO B 215 -12.34 12.45 -7.00
CA PRO B 215 -13.61 13.08 -6.61
C PRO B 215 -13.69 13.35 -5.11
N ALA B 216 -13.31 12.36 -4.31
CA ALA B 216 -13.39 12.48 -2.86
C ALA B 216 -12.42 13.53 -2.40
N ILE B 217 -11.22 13.50 -2.98
CA ILE B 217 -10.16 14.47 -2.63
C ILE B 217 -10.61 15.91 -2.85
N LEU B 218 -11.25 16.16 -3.98
CA LEU B 218 -11.75 17.48 -4.30
C LEU B 218 -12.83 17.94 -3.31
N LYS B 219 -13.79 17.06 -3.04
CA LYS B 219 -14.91 17.38 -2.15
C LYS B 219 -14.39 17.58 -0.72
N GLY B 220 -13.34 16.83 -0.38
CA GLY B 220 -12.76 16.91 0.96
C GLY B 220 -12.01 18.20 1.23
N LEU B 221 -11.02 18.48 0.38
CA LEU B 221 -10.19 19.67 0.57
C LEU B 221 -10.99 20.97 0.43
N LYS B 222 -12.03 20.95 -0.39
CA LYS B 222 -12.89 22.12 -0.53
C LYS B 222 -13.59 22.41 0.80
N GLU B 223 -14.05 21.33 1.44
CA GLU B 223 -14.60 21.41 2.79
C GLU B 223 -13.55 21.93 3.77
N LYS B 224 -12.27 21.72 3.44
CA LYS B 224 -11.18 22.24 4.24
C LYS B 224 -10.75 23.62 3.75
N GLY B 225 -11.45 24.12 2.73
CA GLY B 225 -11.26 25.48 2.27
C GLY B 225 -10.10 25.67 1.31
N TYR B 226 -9.67 24.58 0.67
CA TYR B 226 -8.61 24.65 -0.31
C TYR B 226 -9.16 25.07 -1.67
N GLU B 227 -8.38 25.83 -2.42
CA GLU B 227 -8.70 26.13 -3.81
C GLU B 227 -7.87 25.23 -4.70
N PHE B 228 -8.44 24.78 -5.81
CA PHE B 228 -7.74 23.81 -6.65
C PHE B 228 -7.17 24.46 -7.88
N GLU B 229 -6.12 25.25 -7.68
CA GLU B 229 -5.48 25.92 -8.79
C GLU B 229 -4.33 25.11 -9.34
N ALA B 230 -3.97 25.45 -10.57
CA ALA B 230 -2.80 24.90 -11.22
C ALA B 230 -1.57 25.74 -10.88
N TYR B 231 -0.41 25.19 -11.21
CA TYR B 231 0.82 25.94 -11.13
C TYR B 231 0.81 27.03 -12.20
N HIS B 232 1.30 28.21 -11.81
CA HIS B 232 1.50 29.30 -12.75
C HIS B 232 2.95 29.69 -12.67
N GLU B 233 3.57 29.95 -13.82
CA GLU B 233 4.97 30.31 -13.84
C GLU B 233 5.14 31.73 -13.32
N GLU B 234 4.08 32.53 -13.49
CA GLU B 234 4.04 33.90 -12.98
C GLU B 234 4.43 33.94 -11.52
N SER B 235 3.84 33.02 -10.75
CA SER B 235 3.91 33.05 -9.30
C SER B 235 4.70 31.88 -8.69
N HIS B 236 5.91 31.66 -9.18
CA HIS B 236 6.71 30.52 -8.74
C HIS B 236 7.20 30.69 -7.32
N PHE B 237 7.15 29.59 -6.57
CA PHE B 237 7.78 29.48 -5.25
C PHE B 237 8.40 28.08 -5.06
N PRO B 238 9.63 28.02 -4.55
CA PRO B 238 10.41 26.78 -4.48
C PRO B 238 9.69 25.68 -3.72
N VAL B 239 9.69 24.47 -4.27
CA VAL B 239 9.22 23.31 -3.55
C VAL B 239 10.15 22.16 -3.87
N ASN B 240 11.17 22.00 -3.04
CA ASN B 240 12.03 20.82 -3.16
C ASN B 240 12.65 20.37 -1.85
N PHE B 241 13.24 19.19 -1.93
CA PHE B 241 13.84 18.52 -0.80
C PHE B 241 15.24 19.03 -0.50
N TRP B 242 15.86 19.68 -1.48
CA TRP B 242 17.20 20.24 -1.24
C TRP B 242 17.09 21.64 -0.65
N HIS B 243 15.86 22.14 -0.61
CA HIS B 243 15.56 23.47 -0.08
C HIS B 243 16.29 24.57 -0.87
N ASP B 244 16.64 24.25 -2.11
CA ASP B 244 17.37 25.13 -3.02
C ASP B 244 16.41 26.07 -3.75
N ASN B 245 16.30 27.30 -3.26
CA ASN B 245 15.26 28.20 -3.75
C ASN B 245 15.62 28.88 -5.07
N ARG B 246 16.71 28.41 -5.68
CA ARG B 246 17.10 28.86 -6.99
C ARG B 246 16.20 28.23 -8.05
N MET B 247 15.64 27.09 -7.71
CA MET B 247 14.74 26.35 -8.60
C MET B 247 13.36 26.19 -7.96
N LYS C 43 0.72 25.14 27.84
CA LYS C 43 0.91 25.83 26.57
C LYS C 43 2.40 26.06 26.28
N VAL C 44 3.16 24.97 26.23
CA VAL C 44 4.59 25.05 25.99
C VAL C 44 4.86 25.34 24.50
N ALA C 45 6.03 25.91 24.18
CA ALA C 45 6.44 26.10 22.78
C ALA C 45 7.95 25.88 22.62
N TYR C 46 8.32 24.90 21.81
CA TYR C 46 9.71 24.49 21.72
C TYR C 46 10.40 24.97 20.44
N LEU C 47 11.31 25.94 20.56
CA LEU C 47 12.10 26.33 19.41
C LEU C 47 13.22 25.32 19.15
N THR C 48 13.39 24.94 17.88
CA THR C 48 14.49 24.05 17.50
C THR C 48 15.29 24.69 16.36
N PHE C 49 16.61 24.52 16.41
CA PHE C 49 17.50 25.03 15.37
C PHE C 49 18.39 23.95 14.80
N ASP C 50 18.46 23.92 13.47
CA ASP C 50 19.17 22.86 12.75
C ASP C 50 20.47 23.37 12.10
N ASP C 51 21.33 22.42 11.74
CA ASP C 51 22.47 22.65 10.86
C ASP C 51 23.54 23.54 11.47
N GLY C 52 23.41 23.89 12.76
CA GLY C 52 24.41 24.69 13.43
C GLY C 52 25.44 23.86 14.21
N PRO C 53 26.25 24.51 15.05
CA PRO C 53 26.31 25.96 15.28
C PRO C 53 26.99 26.63 14.11
N GLY C 54 26.64 27.88 13.85
CA GLY C 54 27.20 28.56 12.72
C GLY C 54 27.52 30.01 12.99
N LYS C 55 27.68 30.75 11.91
CA LYS C 55 28.12 32.14 11.90
C LYS C 55 27.23 33.12 12.71
N TYR C 56 25.91 32.88 12.71
CA TYR C 56 24.98 33.79 13.40
C TYR C 56 24.47 33.20 14.71
N THR C 57 25.00 32.04 15.08
CA THR C 57 24.60 31.33 16.30
C THR C 57 24.92 32.20 17.52
N ALA C 58 26.08 32.82 17.47
CA ALA C 58 26.52 33.68 18.56
C ALA C 58 25.47 34.76 18.79
N GLU C 59 25.07 35.42 17.71
CA GLU C 59 24.01 36.44 17.72
C GLU C 59 22.71 35.95 18.38
N LEU C 60 22.26 34.79 17.92
CA LEU C 60 20.99 34.18 18.31
C LEU C 60 20.90 33.88 19.79
N LEU C 61 21.96 33.29 20.36
CA LEU C 61 21.99 32.95 21.78
C LEU C 61 21.76 34.18 22.66
N ASN C 62 22.25 35.34 22.22
CA ASN C 62 22.03 36.59 22.96
C ASN C 62 20.60 37.05 22.86
N THR C 63 20.05 36.97 21.66
CA THR C 63 18.68 37.38 21.40
C THR C 63 17.70 36.58 22.26
N LEU C 64 17.96 35.28 22.38
CA LEU C 64 17.20 34.38 23.25
C LEU C 64 17.32 34.80 24.70
N LYS C 65 18.57 35.02 25.12
CA LYS C 65 18.92 35.31 26.50
C LYS C 65 18.16 36.49 27.06
N GLN C 66 18.06 37.55 26.28
CA GLN C 66 17.34 38.75 26.69
C GLN C 66 15.88 38.47 27.01
N HIS C 67 15.29 37.50 26.34
CA HIS C 67 13.88 37.18 26.51
C HIS C 67 13.61 36.03 27.48
N ASP C 68 14.63 35.62 28.23
CA ASP C 68 14.51 34.51 29.19
C ASP C 68 13.91 33.30 28.47
N ALA C 69 14.46 32.97 27.30
CA ALA C 69 13.92 31.90 26.46
C ALA C 69 14.93 30.78 26.23
N LYS C 70 14.47 29.55 26.43
CA LYS C 70 15.34 28.38 26.29
C LYS C 70 14.86 27.56 25.10
N ALA C 71 15.80 27.16 24.24
CA ALA C 71 15.46 26.46 23.01
C ALA C 71 16.27 25.16 22.83
N THR C 72 16.21 24.62 21.62
CA THR C 72 16.86 23.36 21.32
C THR C 72 17.70 23.44 20.04
N PHE C 73 18.91 22.89 20.08
CA PHE C 73 19.80 22.92 18.92
C PHE C 73 20.13 21.52 18.44
N PHE C 74 20.11 21.32 17.14
CA PHE C 74 20.54 20.05 16.57
C PHE C 74 21.75 20.25 15.68
N LEU C 75 22.91 19.83 16.16
CA LEU C 75 24.15 20.23 15.51
C LEU C 75 24.72 19.18 14.56
N ILE C 76 25.30 19.67 13.47
CA ILE C 76 26.02 18.84 12.53
C ILE C 76 27.40 18.58 13.16
N GLY C 77 27.97 17.41 12.90
CA GLY C 77 29.27 17.05 13.43
C GLY C 77 30.40 18.05 13.21
N ALA C 78 30.56 18.50 11.97
CA ALA C 78 31.67 19.38 11.61
C ALA C 78 31.53 20.75 12.25
N ASN C 79 30.29 21.17 12.49
CA ASN C 79 30.04 22.45 13.17
C ASN C 79 30.35 22.39 14.66
N VAL C 80 30.30 21.19 15.22
CA VAL C 80 30.72 20.92 16.58
C VAL C 80 32.25 20.97 16.65
N LYS C 81 32.90 20.42 15.63
CA LYS C 81 34.35 20.45 15.53
C LYS C 81 34.89 21.86 15.30
N GLU C 82 34.11 22.72 14.67
CA GLU C 82 34.65 24.01 14.29
C GLU C 82 34.24 25.04 15.31
N PHE C 83 33.10 24.82 15.96
CA PHE C 83 32.61 25.77 16.94
C PHE C 83 32.37 25.18 18.32
N PRO C 84 33.43 24.59 18.94
CA PRO C 84 33.26 23.97 20.25
C PRO C 84 32.75 24.98 21.29
N ASP C 85 33.23 26.22 21.20
CA ASP C 85 32.86 27.23 22.18
C ASP C 85 31.35 27.46 22.19
N LEU C 86 30.79 27.66 21.00
CA LEU C 86 29.36 27.86 20.84
C LEU C 86 28.57 26.68 21.39
N VAL C 87 29.04 25.46 21.10
CA VAL C 87 28.44 24.25 21.63
C VAL C 87 28.38 24.27 23.15
N LYS C 88 29.52 24.60 23.76
CA LYS C 88 29.66 24.68 25.22
C LYS C 88 28.72 25.72 25.80
N ARG C 89 28.63 26.83 25.09
CA ARG C 89 27.85 27.97 25.53
C ARG C 89 26.35 27.66 25.50
N GLU C 90 25.88 27.06 24.40
CA GLU C 90 24.49 26.67 24.23
C GLU C 90 23.99 25.86 25.43
N ASN C 91 24.74 24.84 25.82
CA ASN C 91 24.38 24.06 26.99
C ASN C 91 24.40 24.89 28.28
N ALA C 92 25.49 25.63 28.49
CA ALA C 92 25.63 26.52 29.64
C ALA C 92 24.46 27.51 29.84
N GLU C 93 23.84 27.96 28.75
CA GLU C 93 22.77 28.94 28.90
C GLU C 93 21.38 28.28 28.91
N GLY C 94 21.36 26.97 29.15
CA GLY C 94 20.14 26.26 29.44
C GLY C 94 19.37 25.72 28.25
N HIS C 95 20.02 25.64 27.10
CA HIS C 95 19.36 25.06 25.96
C HIS C 95 19.69 23.59 25.85
N TYR C 96 18.84 22.84 25.16
CA TYR C 96 19.15 21.45 24.90
C TYR C 96 20.07 21.35 23.70
N VAL C 97 21.05 20.47 23.79
CA VAL C 97 21.99 20.29 22.69
C VAL C 97 21.88 18.87 22.21
N GLY C 98 21.14 18.69 21.11
CA GLY C 98 20.89 17.40 20.50
C GLY C 98 21.69 17.22 19.21
N MET C 99 21.36 16.16 18.47
CA MET C 99 22.14 15.82 17.28
C MET C 99 21.38 15.90 15.97
N HIS C 100 22.13 16.16 14.90
CA HIS C 100 21.60 16.32 13.56
C HIS C 100 22.55 15.60 12.60
N SER C 101 23.31 14.64 13.15
CA SER C 101 24.20 13.75 12.38
C SER C 101 25.54 14.37 11.99
N MET C 102 26.33 13.57 11.27
CA MET C 102 27.67 13.95 10.82
C MET C 102 27.72 14.53 9.40
N THR C 103 27.00 13.93 8.46
CA THR C 103 27.16 14.31 7.06
C THR C 103 25.95 15.00 6.46
N HIS C 104 24.81 14.99 7.17
CA HIS C 104 23.57 15.52 6.61
C HIS C 104 23.30 14.98 5.20
N ASN C 105 23.77 13.77 4.93
CA ASN C 105 23.66 13.12 3.61
C ASN C 105 22.57 12.05 3.60
N PHE C 106 21.55 12.29 2.78
CA PHE C 106 20.35 11.44 2.69
C PHE C 106 20.65 9.98 2.36
N ALA C 107 21.47 9.77 1.32
CA ALA C 107 21.79 8.42 0.87
C ALA C 107 22.58 7.63 1.92
N LYS C 108 23.65 8.24 2.43
CA LYS C 108 24.46 7.64 3.48
C LYS C 108 23.60 7.34 4.70
N LEU C 109 22.88 8.36 5.17
CA LEU C 109 22.09 8.20 6.37
C LEU C 109 21.07 7.09 6.24
N TYR C 110 20.16 7.20 5.27
CA TYR C 110 18.97 6.34 5.21
C TYR C 110 19.08 5.21 4.23
N LYS C 111 19.49 5.49 3.02
CA LYS C 111 19.53 4.43 2.03
C LYS C 111 20.66 3.45 2.39
N ASN C 112 21.66 3.92 3.12
CA ASN C 112 22.75 3.01 3.54
C ASN C 112 22.78 2.68 5.03
N GLY C 113 21.83 3.26 5.77
CA GLY C 113 21.62 2.94 7.17
C GLY C 113 22.71 3.38 8.12
N GLU C 114 23.41 4.45 7.77
CA GLU C 114 24.49 4.92 8.62
C GLU C 114 23.95 5.85 9.70
N TYR C 115 22.64 6.09 9.67
CA TYR C 115 22.02 7.03 10.59
C TYR C 115 22.53 6.93 12.04
N VAL C 116 22.24 5.81 12.71
CA VAL C 116 22.57 5.71 14.13
C VAL C 116 24.08 5.88 14.35
N ASN C 117 24.88 5.30 13.47
CA ASN C 117 26.32 5.47 13.55
C ASN C 117 26.68 6.93 13.46
N GLU C 118 26.05 7.65 12.53
CA GLU C 118 26.36 9.06 12.47
C GLU C 118 25.87 9.81 13.70
N MET C 119 24.76 9.39 14.28
CA MET C 119 24.24 10.08 15.44
C MET C 119 25.07 9.78 16.71
N LYS C 120 25.53 8.54 16.85
CA LYS C 120 26.32 8.18 18.02
C LYS C 120 27.66 8.93 17.99
N GLU C 121 28.32 8.97 16.82
CA GLU C 121 29.59 9.67 16.70
C GLU C 121 29.42 11.15 16.99
N ASP C 122 28.31 11.70 16.54
CA ASP C 122 28.00 13.11 16.79
C ASP C 122 27.77 13.30 18.26
N GLN C 123 27.13 12.32 18.88
CA GLN C 123 26.89 12.30 20.31
C GLN C 123 28.20 12.33 21.08
N GLY C 124 29.20 11.61 20.54
CA GLY C 124 30.50 11.55 21.16
C GLY C 124 31.19 12.89 21.14
N LEU C 125 31.19 13.53 19.98
CA LEU C 125 31.79 14.85 19.82
C LEU C 125 31.17 15.84 20.78
N ILE C 126 29.84 15.79 20.88
CA ILE C 126 29.13 16.66 21.83
C ILE C 126 29.41 16.28 23.30
N ALA C 127 29.53 14.98 23.59
CA ALA C 127 29.78 14.56 24.95
C ALA C 127 31.15 15.09 25.45
N ASN C 128 32.09 15.27 24.53
CA ASN C 128 33.41 15.76 24.85
C ASN C 128 33.44 17.24 25.23
N ILE C 129 32.36 17.95 24.94
CA ILE C 129 32.28 19.36 25.31
C ILE C 129 31.37 19.61 26.51
N ILE C 130 30.19 19.00 26.52
CA ILE C 130 29.22 19.30 27.57
C ILE C 130 29.16 18.19 28.65
N GLY C 131 29.89 17.10 28.44
CA GLY C 131 30.02 16.05 29.42
C GLY C 131 28.74 15.27 29.63
N LYS C 132 27.77 15.53 28.75
CA LYS C 132 26.48 14.88 28.76
C LYS C 132 26.36 14.11 27.44
N SER C 133 25.65 12.98 27.45
CA SER C 133 25.40 12.26 26.20
C SER C 133 23.91 12.24 25.83
N PRO C 134 23.52 13.18 24.95
CA PRO C 134 22.10 13.41 24.67
C PRO C 134 21.50 12.27 23.87
N LYS C 135 20.18 12.17 23.96
CA LYS C 135 19.49 11.05 23.37
C LYS C 135 18.74 11.53 22.12
N LEU C 136 18.36 12.81 22.13
CA LEU C 136 17.47 13.32 21.11
C LEU C 136 18.15 13.58 19.78
N THR C 137 17.66 12.89 18.76
CA THR C 137 18.12 13.10 17.37
C THR C 137 17.06 13.83 16.58
N ARG C 138 17.50 14.69 15.69
CA ARG C 138 16.61 15.32 14.71
C ARG C 138 17.11 14.90 13.33
N PRO C 139 16.33 14.04 12.66
CA PRO C 139 16.76 13.46 11.38
C PRO C 139 16.80 14.53 10.31
N PRO C 140 17.94 14.63 9.62
CA PRO C 140 18.12 15.49 8.45
C PRO C 140 17.06 15.19 7.40
N TYR C 141 16.32 16.23 6.98
CA TYR C 141 15.26 16.12 5.97
C TYR C 141 13.98 15.48 6.55
N GLY C 142 13.92 15.35 7.87
CA GLY C 142 12.81 14.66 8.52
C GLY C 142 12.93 13.14 8.45
N SER C 143 12.10 12.44 9.22
CA SER C 143 12.18 10.98 9.31
C SER C 143 11.32 10.24 8.26
N MET C 144 10.44 11.00 7.61
CA MET C 144 9.55 10.45 6.59
C MET C 144 10.07 10.77 5.21
N PRO C 145 10.27 9.74 4.36
CA PRO C 145 10.19 8.31 4.63
C PRO C 145 11.54 7.70 4.99
N GLY C 146 12.56 8.57 5.10
CA GLY C 146 13.93 8.13 5.24
C GLY C 146 14.19 7.12 6.33
N LEU C 147 13.45 7.22 7.42
CA LEU C 147 13.72 6.40 8.59
C LEU C 147 12.86 5.13 8.60
N ASN C 148 13.34 4.09 7.94
CA ASN C 148 12.49 2.94 7.71
C ASN C 148 12.22 2.14 8.99
N GLU C 149 11.44 1.07 8.89
CA GLU C 149 11.03 0.35 10.07
C GLU C 149 12.25 -0.25 10.77
N GLY C 150 13.23 -0.68 9.95
CA GLY C 150 14.48 -1.22 10.47
C GLY C 150 15.31 -0.17 11.18
N LEU C 151 15.57 0.95 10.53
CA LEU C 151 16.41 1.94 11.16
C LEU C 151 15.71 2.41 12.40
N ARG C 152 14.39 2.54 12.37
CA ARG C 152 13.68 2.89 13.59
C ARG C 152 13.89 1.89 14.74
N ASN C 153 14.25 0.64 14.43
CA ASN C 153 14.63 -0.32 15.48
C ASN C 153 16.00 0.06 16.07
N LYS C 154 16.98 0.28 15.19
CA LYS C 154 18.34 0.59 15.60
C LYS C 154 18.40 1.80 16.56
N VAL C 155 17.63 2.84 16.24
CA VAL C 155 17.50 4.02 17.09
C VAL C 155 16.87 3.70 18.44
N VAL C 156 15.79 2.91 18.46
CA VAL C 156 15.20 2.60 19.76
C VAL C 156 16.20 1.70 20.50
N GLU C 157 16.80 0.76 19.80
CA GLU C 157 17.83 -0.07 20.40
C GLU C 157 19.05 0.72 20.81
N GLY C 158 19.46 1.67 19.97
CA GLY C 158 20.62 2.49 20.29
C GLY C 158 20.40 3.43 21.46
N GLY C 159 19.14 3.57 21.87
CA GLY C 159 18.79 4.44 23.00
C GLY C 159 18.36 5.84 22.66
N PHE C 160 18.22 6.13 21.37
CA PHE C 160 17.87 7.46 20.92
C PHE C 160 16.37 7.69 20.82
N LYS C 161 15.98 8.94 20.94
CA LYS C 161 14.65 9.36 20.51
C LYS C 161 14.82 10.10 19.18
N VAL C 162 13.68 10.46 18.57
CA VAL C 162 13.66 11.20 17.31
C VAL C 162 12.64 12.33 17.40
N TRP C 163 13.05 13.52 16.98
CA TRP C 163 12.07 14.59 16.85
C TRP C 163 12.06 15.24 15.48
N ASP C 164 10.87 15.28 14.88
CA ASP C 164 10.58 16.11 13.72
C ASP C 164 10.01 17.40 14.27
N TRP C 165 9.12 18.05 13.52
CA TRP C 165 8.52 19.32 13.94
C TRP C 165 7.04 19.37 13.59
N THR C 166 6.35 20.40 14.05
CA THR C 166 4.98 20.62 13.65
C THR C 166 4.88 21.79 12.70
N ILE C 167 5.77 22.75 12.90
CA ILE C 167 5.78 23.97 12.12
C ILE C 167 7.10 24.17 11.39
N ASP C 168 7.03 24.47 10.09
CA ASP C 168 8.21 24.79 9.31
C ASP C 168 8.29 26.29 9.10
N SER C 169 9.37 26.91 9.59
CA SER C 169 9.57 28.36 9.45
C SER C 169 9.63 28.75 8.00
N LEU C 170 10.04 27.79 7.18
CA LEU C 170 10.19 27.93 5.74
C LEU C 170 11.27 28.96 5.40
N ASP C 171 12.18 29.19 6.34
CA ASP C 171 13.21 30.22 6.18
C ASP C 171 14.12 30.00 4.97
N TRP C 172 14.24 28.76 4.51
CA TRP C 172 15.16 28.42 3.41
C TRP C 172 14.70 29.01 2.07
N ARG C 173 13.41 29.30 1.95
CA ARG C 173 12.86 29.90 0.74
C ARG C 173 13.46 31.28 0.51
N TYR C 174 13.60 32.04 1.59
CA TYR C 174 13.95 33.46 1.50
C TYR C 174 15.45 33.74 1.67
N ASN C 175 16.28 32.76 1.31
CA ASN C 175 17.74 32.84 1.44
C ASN C 175 18.41 33.73 0.42
N LYS C 176 19.58 34.24 0.80
CA LYS C 176 20.34 35.19 -0.01
C LYS C 176 19.42 36.35 -0.40
N MET C 177 18.51 36.69 0.51
CA MET C 177 17.52 37.74 0.27
C MET C 177 17.56 38.76 1.42
N PRO C 178 17.16 40.01 1.14
CA PRO C 178 17.09 41.11 2.11
C PRO C 178 16.54 40.68 3.46
N VAL C 179 17.41 40.74 4.46
CA VAL C 179 17.25 40.01 5.71
C VAL C 179 15.96 40.36 6.44
N ASP C 180 15.67 41.65 6.60
CA ASP C 180 14.54 42.06 7.42
C ASP C 180 13.21 41.73 6.77
N ALA C 181 13.14 41.87 5.45
CA ALA C 181 11.96 41.50 4.70
C ALA C 181 11.67 40.01 4.87
N ALA C 182 12.69 39.20 4.59
CA ALA C 182 12.61 37.75 4.72
C ALA C 182 12.15 37.35 6.11
N ALA C 183 12.92 37.78 7.12
CA ALA C 183 12.65 37.48 8.52
C ALA C 183 11.20 37.75 8.91
N ALA C 184 10.70 38.91 8.49
CA ALA C 184 9.33 39.33 8.74
C ALA C 184 8.34 38.26 8.29
N GLN C 185 8.53 37.79 7.06
CA GLN C 185 7.69 36.72 6.50
C GLN C 185 7.80 35.45 7.35
N ILE C 186 9.03 35.05 7.67
CA ILE C 186 9.28 33.84 8.45
C ILE C 186 8.49 33.87 9.77
N ALA C 187 8.50 35.04 10.43
CA ALA C 187 7.71 35.23 11.63
C ALA C 187 6.22 34.97 11.39
N GLN C 188 5.67 35.51 10.30
CA GLN C 188 4.26 35.23 9.98
C GLN C 188 4.05 33.75 9.77
N ASN C 189 4.99 33.16 9.05
CA ASN C 189 4.95 31.74 8.70
C ASN C 189 4.76 30.87 9.92
N VAL C 190 5.32 31.28 11.05
CA VAL C 190 5.22 30.48 12.26
C VAL C 190 4.09 30.95 13.18
N LEU C 191 3.76 32.24 13.15
CA LEU C 191 2.74 32.77 14.05
C LEU C 191 1.35 32.28 13.63
N THR C 192 1.15 32.16 12.33
CA THR C 192 -0.11 31.67 11.78
C THR C 192 -0.36 30.18 12.05
N ASN C 193 0.67 29.34 11.96
CA ASN C 193 0.48 27.91 12.15
C ASN C 193 0.61 27.49 13.62
N ALA C 194 0.74 28.47 14.49
CA ALA C 194 0.73 28.25 15.93
C ALA C 194 -0.72 28.12 16.40
N THR C 195 -1.17 26.89 16.57
CA THR C 195 -2.56 26.61 16.85
C THR C 195 -2.74 25.61 18.01
N LYS C 196 -1.80 24.67 18.11
CA LYS C 196 -1.90 23.57 19.07
C LYS C 196 -1.33 23.97 20.43
N PRO C 197 -1.70 23.23 21.50
CA PRO C 197 -1.16 23.50 22.84
C PRO C 197 0.37 23.47 22.84
N GLN C 198 0.94 22.41 22.28
CA GLN C 198 2.38 22.33 22.08
C GLN C 198 2.73 22.37 20.60
N GLU C 199 3.83 23.03 20.28
CA GLU C 199 4.32 23.09 18.91
C GLU C 199 5.83 22.96 18.92
N VAL C 200 6.37 22.31 17.90
CA VAL C 200 7.81 22.17 17.78
C VAL C 200 8.23 22.85 16.47
N ILE C 201 8.97 23.97 16.59
CA ILE C 201 9.27 24.80 15.42
C ILE C 201 10.66 24.57 14.83
N LEU C 202 10.69 24.35 13.52
CA LEU C 202 11.92 24.12 12.78
C LEU C 202 12.52 25.45 12.36
N MET C 203 13.72 25.76 12.83
CA MET C 203 14.48 26.89 12.29
C MET C 203 15.92 26.48 12.02
N HIS C 204 16.66 27.35 11.34
CA HIS C 204 18.06 27.07 11.02
C HIS C 204 18.93 28.29 11.37
N ASP C 205 19.87 28.14 12.29
CA ASP C 205 20.66 29.29 12.74
C ASP C 205 21.91 29.51 11.90
N ILE C 206 22.02 28.79 10.79
CA ILE C 206 23.06 29.04 9.80
C ILE C 206 22.53 30.00 8.76
N HIS C 207 21.29 30.44 8.95
CA HIS C 207 20.63 31.35 8.04
C HIS C 207 20.28 32.66 8.74
N PRO C 208 20.73 33.80 8.17
CA PRO C 208 20.54 35.15 8.71
C PRO C 208 19.08 35.61 8.82
N GLN C 209 18.29 35.30 7.80
CA GLN C 209 16.88 35.65 7.75
C GLN C 209 16.13 34.98 8.88
N SER C 210 16.55 33.75 9.19
CA SER C 210 15.99 32.96 10.28
C SER C 210 16.25 33.55 11.65
N VAL C 211 17.52 33.88 11.90
CA VAL C 211 17.93 34.45 13.18
C VAL C 211 17.25 35.80 13.37
N ALA C 212 17.18 36.55 12.29
CA ALA C 212 16.52 37.85 12.31
C ALA C 212 15.03 37.69 12.60
N ALA C 213 14.46 36.57 12.16
CA ALA C 213 13.03 36.33 12.34
C ALA C 213 12.70 36.01 13.78
N VAL C 214 13.67 35.45 14.49
CA VAL C 214 13.48 34.95 15.85
C VAL C 214 12.96 36.01 16.84
N PRO C 215 13.51 37.24 16.80
CA PRO C 215 12.95 38.26 17.70
C PRO C 215 11.44 38.46 17.59
N ALA C 216 10.95 38.64 16.37
CA ALA C 216 9.53 38.92 16.13
C ALA C 216 8.64 37.74 16.54
N ILE C 217 9.13 36.53 16.29
CA ILE C 217 8.47 35.30 16.70
C ILE C 217 8.30 35.23 18.21
N LEU C 218 9.36 35.58 18.93
CA LEU C 218 9.41 35.49 20.38
C LEU C 218 8.33 36.28 21.12
N LYS C 219 8.13 37.53 20.71
CA LYS C 219 7.11 38.35 21.35
C LYS C 219 5.71 37.99 20.84
N GLY C 220 5.60 37.75 19.55
CA GLY C 220 4.33 37.40 18.95
C GLY C 220 3.74 36.11 19.50
N LEU C 221 4.60 35.13 19.77
CA LEU C 221 4.12 33.87 20.31
C LEU C 221 3.85 33.95 21.81
N LYS C 222 4.65 34.74 22.52
CA LYS C 222 4.52 34.87 23.98
C LYS C 222 3.18 35.49 24.40
N GLU C 223 2.68 36.41 23.58
CA GLU C 223 1.40 37.05 23.83
C GLU C 223 0.25 36.13 23.41
N LYS C 224 0.59 35.10 22.65
CA LYS C 224 -0.38 34.08 22.24
C LYS C 224 -0.57 33.06 23.36
N GLY C 225 0.05 33.34 24.50
CA GLY C 225 -0.04 32.50 25.68
C GLY C 225 1.02 31.40 25.75
N TYR C 226 1.96 31.44 24.81
CA TYR C 226 3.03 30.45 24.74
C TYR C 226 4.19 30.80 25.65
N GLU C 227 4.85 29.77 26.17
CA GLU C 227 6.10 29.92 26.89
C GLU C 227 7.15 29.07 26.20
N PHE C 228 8.43 29.48 26.27
CA PHE C 228 9.47 28.83 25.47
C PHE C 228 10.40 27.98 26.32
N GLU C 229 10.25 26.68 26.22
CA GLU C 229 11.04 25.75 27.02
C GLU C 229 11.96 24.95 26.10
N ALA C 230 13.11 24.55 26.61
CA ALA C 230 13.96 23.59 25.92
C ALA C 230 13.38 22.19 26.09
N TYR C 231 13.69 21.30 25.16
CA TYR C 231 13.45 19.88 25.32
C TYR C 231 14.12 19.37 26.61
N HIS C 232 13.39 18.55 27.38
CA HIS C 232 13.99 17.89 28.56
C HIS C 232 13.84 16.37 28.46
N GLU C 233 14.94 15.62 28.64
CA GLU C 233 14.91 14.17 28.34
C GLU C 233 13.93 13.38 29.21
N GLU C 234 13.82 13.77 30.47
CA GLU C 234 12.87 13.16 31.39
C GLU C 234 11.42 13.54 31.01
N SER C 235 11.29 14.58 30.20
CA SER C 235 9.99 15.06 29.75
C SER C 235 9.57 14.52 28.38
N HIS C 236 10.21 13.45 27.91
CA HIS C 236 10.02 13.06 26.51
C HIS C 236 8.58 12.72 26.14
N PHE C 237 8.15 13.25 25.01
CA PHE C 237 6.88 12.87 24.40
C PHE C 237 7.10 12.86 22.89
N PRO C 238 6.43 11.92 22.18
CA PRO C 238 6.64 11.69 20.75
C PRO C 238 6.31 12.90 19.88
N VAL C 239 7.24 13.29 18.99
CA VAL C 239 6.95 14.23 17.91
C VAL C 239 7.68 13.74 16.65
N ASN C 240 7.10 12.74 16.00
CA ASN C 240 7.71 12.15 14.81
C ASN C 240 6.68 11.76 13.76
N PHE C 241 6.95 12.12 12.50
CA PHE C 241 6.02 11.88 11.38
C PHE C 241 5.44 10.49 11.27
N TRP C 242 6.21 9.48 11.68
CA TRP C 242 5.76 8.10 11.65
C TRP C 242 4.77 7.84 12.76
N HIS C 243 4.58 8.84 13.63
CA HIS C 243 3.82 8.66 14.86
C HIS C 243 4.32 7.44 15.63
N ASP C 244 5.63 7.20 15.58
CA ASP C 244 6.23 6.05 16.24
C ASP C 244 6.58 6.45 17.66
N ASN C 245 5.86 5.86 18.61
CA ASN C 245 5.90 6.35 19.97
C ASN C 245 6.97 5.68 20.79
N ARG C 246 7.79 4.85 20.15
CA ARG C 246 8.92 4.29 20.86
C ARG C 246 10.05 5.31 20.88
N MET C 247 9.92 6.31 20.00
CA MET C 247 10.87 7.41 19.92
C MET C 247 10.21 8.69 20.42
N ARG D 42 -22.15 -20.17 14.05
CA ARG D 42 -20.86 -20.11 14.72
C ARG D 42 -19.74 -19.73 13.77
N LYS D 43 -19.33 -18.46 13.82
CA LYS D 43 -18.26 -17.96 12.96
C LYS D 43 -16.91 -18.10 13.66
N VAL D 44 -15.85 -18.24 12.86
CA VAL D 44 -14.50 -18.33 13.40
C VAL D 44 -13.45 -17.64 12.51
N ALA D 45 -12.81 -16.60 13.05
CA ALA D 45 -11.69 -15.95 12.38
C ALA D 45 -10.38 -16.59 12.81
N TYR D 46 -9.61 -17.07 11.84
CA TYR D 46 -8.32 -17.66 12.16
C TYR D 46 -7.23 -16.68 11.77
N LEU D 47 -6.72 -15.95 12.76
CA LEU D 47 -5.59 -15.05 12.51
C LEU D 47 -4.33 -15.86 12.30
N THR D 48 -3.63 -15.56 11.22
CA THR D 48 -2.36 -16.20 10.95
C THR D 48 -1.33 -15.10 10.77
N PHE D 49 -0.13 -15.38 11.24
CA PHE D 49 0.93 -14.39 11.18
C PHE D 49 2.14 -15.07 10.56
N ASP D 50 2.71 -14.43 9.55
CA ASP D 50 3.79 -15.03 8.79
C ASP D 50 5.14 -14.35 9.01
N ASP D 51 6.20 -15.16 8.85
CA ASP D 51 7.60 -14.72 8.76
C ASP D 51 8.29 -14.48 10.14
N GLY D 52 7.59 -14.75 11.23
CA GLY D 52 8.17 -14.55 12.55
C GLY D 52 8.95 -15.76 13.04
N PRO D 53 9.38 -15.76 14.34
CA PRO D 53 9.16 -14.66 15.29
C PRO D 53 10.00 -13.43 14.94
N GLY D 54 9.70 -12.29 15.55
CA GLY D 54 10.38 -11.03 15.27
C GLY D 54 10.17 -10.01 16.38
N LYS D 55 10.75 -8.82 16.23
CA LYS D 55 10.86 -7.91 17.37
C LYS D 55 9.53 -7.34 17.87
N TYR D 56 8.48 -7.43 17.08
CA TYR D 56 7.17 -6.92 17.53
C TYR D 56 6.30 -8.07 18.04
N THR D 57 6.85 -9.28 18.00
CA THR D 57 6.05 -10.48 18.33
C THR D 57 5.56 -10.48 19.77
N ALA D 58 6.41 -10.00 20.68
CA ALA D 58 6.11 -10.00 22.11
C ALA D 58 4.90 -9.13 22.42
N GLU D 59 4.88 -7.96 21.81
CA GLU D 59 3.73 -7.07 21.88
C GLU D 59 2.45 -7.66 21.27
N LEU D 60 2.57 -8.36 20.14
CA LEU D 60 1.43 -9.07 19.54
C LEU D 60 0.93 -10.16 20.48
N LEU D 61 1.87 -10.93 21.05
CA LEU D 61 1.52 -12.00 21.98
C LEU D 61 0.75 -11.47 23.18
N ASN D 62 1.17 -10.33 23.71
CA ASN D 62 0.44 -9.73 24.82
C ASN D 62 -0.93 -9.19 24.42
N THR D 63 -1.04 -8.64 23.21
CA THR D 63 -2.29 -8.04 22.75
C THR D 63 -3.33 -9.11 22.47
N LEU D 64 -2.87 -10.25 21.94
CA LEU D 64 -3.69 -11.45 21.80
C LEU D 64 -4.23 -11.92 23.15
N LYS D 65 -3.39 -11.84 24.17
CA LYS D 65 -3.73 -12.38 25.47
C LYS D 65 -4.75 -11.55 26.24
N GLN D 66 -4.87 -10.27 25.88
CA GLN D 66 -5.85 -9.39 26.51
C GLN D 66 -7.27 -9.75 26.08
N HIS D 67 -7.43 -10.08 24.79
CA HIS D 67 -8.76 -10.36 24.27
C HIS D 67 -9.06 -11.87 24.28
N ASP D 68 -8.26 -12.59 25.07
CA ASP D 68 -8.35 -14.05 25.21
C ASP D 68 -8.44 -14.72 23.84
N ALA D 69 -7.69 -14.19 22.88
CA ALA D 69 -7.79 -14.61 21.49
C ALA D 69 -6.62 -15.48 21.03
N LYS D 70 -6.94 -16.56 20.30
CA LYS D 70 -5.93 -17.49 19.83
C LYS D 70 -5.71 -17.40 18.32
N ALA D 71 -4.49 -17.72 17.88
CA ALA D 71 -4.07 -17.45 16.51
C ALA D 71 -3.05 -18.48 16.05
N THR D 72 -2.40 -18.22 14.93
CA THR D 72 -1.60 -19.23 14.27
C THR D 72 -0.32 -18.60 13.75
N PHE D 73 0.82 -19.21 14.02
CA PHE D 73 2.08 -18.60 13.59
C PHE D 73 2.87 -19.50 12.65
N PHE D 74 3.23 -18.96 11.49
CA PHE D 74 4.07 -19.72 10.59
C PHE D 74 5.40 -19.08 10.64
N LEU D 75 6.46 -19.88 10.84
CA LEU D 75 7.76 -19.30 11.19
C LEU D 75 8.89 -19.67 10.22
N ILE D 76 9.91 -18.81 10.16
CA ILE D 76 11.05 -19.03 9.29
C ILE D 76 12.22 -19.52 10.12
N GLY D 77 12.92 -20.52 9.60
CA GLY D 77 13.97 -21.20 10.34
C GLY D 77 14.97 -20.35 11.10
N ALA D 78 15.46 -19.30 10.46
CA ALA D 78 16.47 -18.46 11.09
C ALA D 78 15.85 -17.69 12.26
N ASN D 79 14.55 -17.46 12.18
CA ASN D 79 13.84 -16.75 13.23
C ASN D 79 13.50 -17.61 14.42
N VAL D 80 13.22 -18.90 14.20
CA VAL D 80 13.05 -19.80 15.32
C VAL D 80 14.40 -20.01 16.03
N LYS D 81 15.49 -19.81 15.29
CA LYS D 81 16.82 -19.97 15.85
C LYS D 81 17.22 -18.80 16.76
N GLU D 82 16.69 -17.63 16.46
CA GLU D 82 17.08 -16.46 17.22
C GLU D 82 16.07 -16.10 18.29
N PHE D 83 14.83 -16.55 18.16
CA PHE D 83 13.78 -16.09 19.08
C PHE D 83 13.01 -17.24 19.73
N PRO D 84 13.72 -18.25 20.24
CA PRO D 84 13.03 -19.43 20.73
C PRO D 84 12.12 -19.17 21.93
N ASP D 85 12.39 -18.16 22.73
CA ASP D 85 11.48 -17.87 23.83
C ASP D 85 10.11 -17.61 23.26
N LEU D 86 10.09 -16.75 22.24
CA LEU D 86 8.85 -16.37 21.57
C LEU D 86 8.13 -17.56 20.91
N VAL D 87 8.88 -18.44 20.24
CA VAL D 87 8.30 -19.70 19.78
C VAL D 87 7.65 -20.44 20.94
N LYS D 88 8.50 -20.84 21.88
CA LYS D 88 8.16 -21.54 23.11
C LYS D 88 6.95 -20.92 23.81
N ARG D 89 6.89 -19.60 23.77
CA ARG D 89 5.81 -18.86 24.39
C ARG D 89 4.51 -18.86 23.57
N GLU D 90 4.60 -18.50 22.28
CA GLU D 90 3.46 -18.61 21.36
C GLU D 90 2.73 -19.91 21.58
N ASN D 91 3.49 -20.99 21.47
CA ASN D 91 2.99 -22.30 21.79
C ASN D 91 2.34 -22.33 23.17
N ALA D 92 3.17 -22.18 24.20
CA ALA D 92 2.71 -22.18 25.57
C ALA D 92 1.49 -21.29 25.81
N GLU D 93 1.34 -20.22 25.06
CA GLU D 93 0.21 -19.32 25.32
C GLU D 93 -1.10 -19.71 24.58
N GLY D 94 -1.08 -20.79 23.80
CA GLY D 94 -2.31 -21.29 23.22
C GLY D 94 -2.42 -21.27 21.69
N HIS D 95 -1.48 -20.63 21.02
CA HIS D 95 -1.56 -20.49 19.59
C HIS D 95 -0.93 -21.68 18.88
N TYR D 96 -1.28 -21.85 17.61
CA TYR D 96 -0.67 -22.87 16.78
C TYR D 96 0.61 -22.34 16.22
N VAL D 97 1.61 -23.18 16.12
CA VAL D 97 2.81 -22.73 15.44
C VAL D 97 3.12 -23.72 14.34
N GLY D 98 3.22 -23.20 13.13
CA GLY D 98 3.52 -24.01 11.97
C GLY D 98 4.70 -23.48 11.23
N MET D 99 5.12 -24.20 10.18
CA MET D 99 6.28 -23.79 9.39
C MET D 99 5.94 -22.78 8.24
N HIS D 100 6.95 -22.01 7.84
CA HIS D 100 6.90 -21.08 6.72
C HIS D 100 8.27 -21.15 6.04
N SER D 101 8.91 -22.32 6.16
CA SER D 101 10.20 -22.69 5.53
C SER D 101 11.44 -22.15 6.26
N MET D 102 12.60 -22.44 5.67
CA MET D 102 13.90 -21.98 6.15
C MET D 102 14.34 -20.70 5.48
N THR D 103 14.33 -20.70 4.15
CA THR D 103 14.90 -19.60 3.37
C THR D 103 13.90 -18.58 2.84
N HIS D 104 12.63 -18.97 2.75
CA HIS D 104 11.58 -18.08 2.17
C HIS D 104 11.97 -17.58 0.77
N ASN D 105 12.71 -18.41 0.05
CA ASN D 105 13.19 -18.17 -1.31
C ASN D 105 12.45 -19.03 -2.34
N PHE D 106 11.68 -18.38 -3.23
CA PHE D 106 10.88 -19.04 -4.26
C PHE D 106 11.66 -20.01 -5.16
N ALA D 107 12.74 -19.52 -5.77
CA ALA D 107 13.50 -20.37 -6.68
C ALA D 107 14.04 -21.60 -5.97
N LYS D 108 14.25 -21.48 -4.67
CA LYS D 108 14.74 -22.62 -3.88
C LYS D 108 13.59 -23.53 -3.46
N LEU D 109 12.50 -22.91 -3.04
CA LEU D 109 11.34 -23.65 -2.59
C LEU D 109 10.69 -24.46 -3.70
N TYR D 110 10.45 -23.81 -4.84
CA TYR D 110 9.57 -24.36 -5.87
C TYR D 110 10.28 -24.74 -7.17
N LYS D 111 11.05 -23.82 -7.72
CA LYS D 111 11.72 -24.10 -9.00
C LYS D 111 12.83 -25.14 -8.79
N ASN D 112 13.33 -25.22 -7.55
CA ASN D 112 14.31 -26.24 -7.18
C ASN D 112 13.70 -27.32 -6.29
N GLY D 113 12.50 -27.05 -5.78
CA GLY D 113 11.68 -28.03 -5.12
C GLY D 113 12.16 -28.45 -3.76
N GLU D 114 12.58 -27.49 -2.94
CA GLU D 114 13.03 -27.78 -1.59
C GLU D 114 11.95 -27.46 -0.58
N TYR D 115 10.72 -27.31 -1.05
CA TYR D 115 9.60 -27.01 -0.16
C TYR D 115 9.54 -28.03 1.00
N VAL D 116 9.37 -29.31 0.71
CA VAL D 116 9.20 -30.30 1.77
C VAL D 116 10.45 -30.38 2.62
N ASN D 117 11.60 -30.25 1.99
CA ASN D 117 12.88 -30.24 2.68
C ASN D 117 12.99 -29.11 3.69
N GLU D 118 12.41 -27.97 3.35
CA GLU D 118 12.60 -26.81 4.19
C GLU D 118 11.55 -26.78 5.26
N MET D 119 10.46 -27.49 5.04
CA MET D 119 9.40 -27.50 6.03
C MET D 119 9.72 -28.52 7.12
N LYS D 120 10.28 -29.66 6.73
CA LYS D 120 10.65 -30.68 7.70
C LYS D 120 11.78 -30.14 8.58
N GLU D 121 12.77 -29.52 7.94
CA GLU D 121 13.91 -28.94 8.65
C GLU D 121 13.43 -27.88 9.64
N ASP D 122 12.45 -27.11 9.20
CA ASP D 122 11.88 -26.09 10.05
C ASP D 122 11.07 -26.71 11.19
N GLN D 123 10.42 -27.83 10.88
CA GLN D 123 9.63 -28.58 11.84
C GLN D 123 10.54 -29.12 12.94
N GLY D 124 11.70 -29.62 12.54
CA GLY D 124 12.67 -30.16 13.46
C GLY D 124 12.99 -29.14 14.52
N LEU D 125 13.31 -27.93 14.08
CA LEU D 125 13.68 -26.86 14.98
C LEU D 125 12.54 -26.57 15.95
N ILE D 126 11.37 -26.34 15.41
CA ILE D 126 10.20 -26.00 16.22
C ILE D 126 9.93 -27.09 17.27
N ALA D 127 10.21 -28.34 16.93
CA ALA D 127 9.95 -29.46 17.83
C ALA D 127 10.87 -29.42 19.05
N ASN D 128 12.16 -29.25 18.79
CA ASN D 128 13.19 -29.16 19.82
C ASN D 128 12.94 -28.03 20.83
N ILE D 129 11.96 -27.19 20.52
CA ILE D 129 11.62 -26.06 21.37
C ILE D 129 10.32 -26.35 22.11
N ILE D 130 9.32 -26.89 21.41
CA ILE D 130 8.03 -27.09 22.05
C ILE D 130 7.57 -28.54 22.17
N GLY D 131 8.40 -29.48 21.74
CA GLY D 131 8.06 -30.89 21.87
C GLY D 131 6.76 -31.20 21.16
N LYS D 132 6.82 -31.18 19.83
CA LYS D 132 5.66 -31.25 18.91
C LYS D 132 6.22 -31.26 17.51
N SER D 133 5.75 -32.14 16.63
CA SER D 133 6.08 -31.93 15.23
C SER D 133 4.83 -31.49 14.49
N PRO D 134 4.69 -30.17 14.28
CA PRO D 134 3.49 -29.61 13.67
C PRO D 134 3.37 -30.07 12.22
N LYS D 135 2.17 -30.32 11.75
CA LYS D 135 2.05 -30.81 10.39
C LYS D 135 1.67 -29.72 9.36
N LEU D 136 1.09 -28.62 9.82
CA LEU D 136 0.62 -27.57 8.90
C LEU D 136 1.71 -26.58 8.43
N THR D 137 1.80 -26.43 7.12
CA THR D 137 2.77 -25.51 6.51
C THR D 137 2.05 -24.38 5.78
N ARG D 138 2.73 -23.26 5.61
CA ARG D 138 2.18 -22.11 4.89
C ARG D 138 3.24 -21.62 3.92
N PRO D 139 2.97 -21.77 2.60
CA PRO D 139 3.98 -21.53 1.56
C PRO D 139 4.33 -20.06 1.43
N PRO D 140 5.63 -19.73 1.34
CA PRO D 140 5.97 -18.34 1.05
C PRO D 140 5.48 -17.94 -0.32
N TYR D 141 4.84 -16.76 -0.40
CA TYR D 141 4.24 -16.24 -1.62
C TYR D 141 3.03 -17.06 -2.05
N GLY D 142 2.51 -17.85 -1.10
CA GLY D 142 1.38 -18.76 -1.32
C GLY D 142 1.67 -19.98 -2.20
N SER D 143 0.74 -20.95 -2.22
CA SER D 143 0.89 -22.15 -3.04
C SER D 143 0.84 -21.91 -4.55
N MET D 144 0.16 -20.85 -4.95
CA MET D 144 -0.11 -20.58 -6.36
C MET D 144 0.82 -19.51 -6.92
N PRO D 145 1.63 -19.85 -7.93
CA PRO D 145 1.72 -21.16 -8.59
C PRO D 145 2.92 -22.02 -8.20
N GLY D 146 3.56 -21.76 -7.06
CA GLY D 146 4.77 -22.50 -6.73
C GLY D 146 4.62 -24.00 -6.51
N LEU D 147 3.67 -24.38 -5.67
CA LEU D 147 3.44 -25.77 -5.33
C LEU D 147 2.79 -26.54 -6.50
N ASN D 148 3.60 -26.86 -7.50
CA ASN D 148 3.11 -27.69 -8.57
C ASN D 148 2.71 -29.09 -8.07
N GLU D 149 2.11 -29.89 -8.95
CA GLU D 149 1.55 -31.16 -8.56
C GLU D 149 2.62 -32.12 -8.05
N GLY D 150 3.80 -32.03 -8.64
CA GLY D 150 4.96 -32.73 -8.10
C GLY D 150 5.08 -32.42 -6.62
N LEU D 151 5.41 -31.16 -6.30
CA LEU D 151 5.60 -30.74 -4.92
C LEU D 151 4.37 -31.03 -4.07
N ARG D 152 3.19 -30.93 -4.65
CA ARG D 152 1.99 -31.17 -3.86
C ARG D 152 1.87 -32.66 -3.50
N ASN D 153 2.29 -33.54 -4.40
CA ASN D 153 2.34 -34.96 -4.04
C ASN D 153 3.35 -35.18 -2.93
N LYS D 154 4.55 -34.64 -3.13
CA LYS D 154 5.59 -34.76 -2.13
C LYS D 154 5.11 -34.22 -0.77
N VAL D 155 4.27 -33.18 -0.79
CA VAL D 155 3.75 -32.61 0.45
C VAL D 155 2.88 -33.61 1.20
N VAL D 156 2.02 -34.32 0.47
CA VAL D 156 1.11 -35.27 1.12
C VAL D 156 1.85 -36.56 1.46
N GLU D 157 2.98 -36.79 0.80
CA GLU D 157 3.83 -37.95 1.08
C GLU D 157 4.32 -37.92 2.53
N GLY D 158 4.54 -36.71 3.04
CA GLY D 158 5.12 -36.53 4.37
C GLY D 158 4.14 -36.08 5.44
N GLY D 159 2.85 -36.28 5.18
CA GLY D 159 1.82 -35.97 6.16
C GLY D 159 1.59 -34.50 6.44
N PHE D 160 2.25 -33.64 5.66
CA PHE D 160 2.09 -32.20 5.85
C PHE D 160 0.72 -31.76 5.38
N LYS D 161 0.25 -30.65 5.93
CA LYS D 161 -0.92 -29.97 5.38
C LYS D 161 -0.46 -28.61 4.84
N VAL D 162 -1.32 -27.92 4.10
CA VAL D 162 -0.93 -26.65 3.52
C VAL D 162 -2.08 -25.65 3.62
N TRP D 163 -1.80 -24.52 4.29
CA TRP D 163 -2.80 -23.47 4.41
C TRP D 163 -2.39 -22.20 3.64
N ASP D 164 -3.23 -21.78 2.69
CA ASP D 164 -3.11 -20.47 2.07
C ASP D 164 -3.98 -19.52 2.88
N TRP D 165 -4.83 -18.71 2.23
CA TRP D 165 -5.70 -17.82 2.99
C TRP D 165 -6.85 -17.30 2.18
N THR D 166 -7.82 -16.71 2.86
CA THR D 166 -9.00 -16.14 2.22
C THR D 166 -9.09 -14.63 2.39
N ILE D 167 -8.21 -14.07 3.21
CA ILE D 167 -8.08 -12.61 3.30
C ILE D 167 -6.65 -12.20 3.37
N ASP D 168 -6.25 -11.33 2.47
CA ASP D 168 -4.90 -10.83 2.43
C ASP D 168 -4.94 -9.41 2.99
N SER D 169 -4.64 -9.27 4.27
CA SER D 169 -4.66 -7.97 4.94
C SER D 169 -3.81 -6.94 4.21
N LEU D 170 -2.72 -7.42 3.63
CA LEU D 170 -1.79 -6.61 2.84
C LEU D 170 -0.94 -5.72 3.72
N ASP D 171 -0.86 -6.07 5.00
CA ASP D 171 -0.17 -5.24 5.96
C ASP D 171 1.21 -4.80 5.47
N TRP D 172 1.99 -5.71 4.92
CA TRP D 172 3.38 -5.39 4.60
C TRP D 172 3.58 -4.35 3.51
N ARG D 173 2.51 -3.81 2.94
CA ARG D 173 2.69 -2.84 1.87
C ARG D 173 2.51 -1.45 2.45
N TYR D 174 2.24 -1.41 3.75
CA TYR D 174 1.97 -0.17 4.45
C TYR D 174 3.16 0.24 5.32
N ASN D 175 4.32 0.34 4.68
CA ASN D 175 5.53 0.70 5.37
C ASN D 175 6.06 2.09 5.02
N LYS D 176 5.19 2.97 4.52
CA LYS D 176 5.63 4.28 4.02
C LYS D 176 4.73 5.40 4.53
N MET D 177 4.10 5.15 5.67
CA MET D 177 3.12 6.07 6.22
C MET D 177 3.10 6.01 7.74
N PRO D 178 2.46 6.98 8.40
CA PRO D 178 2.40 6.86 9.87
C PRO D 178 1.71 5.57 10.31
N VAL D 179 2.35 4.83 11.21
CA VAL D 179 1.90 3.51 11.63
C VAL D 179 0.45 3.45 12.07
N ASP D 180 0.00 4.48 12.80
CA ASP D 180 -1.42 4.52 13.21
C ASP D 180 -2.36 4.55 11.99
N ALA D 181 -1.99 5.33 10.98
CA ALA D 181 -2.75 5.43 9.74
C ALA D 181 -2.75 4.10 9.01
N ALA D 182 -1.57 3.48 8.90
CA ALA D 182 -1.44 2.16 8.32
C ALA D 182 -2.28 1.15 9.10
N ALA D 183 -2.18 1.21 10.43
CA ALA D 183 -2.89 0.28 11.27
C ALA D 183 -4.38 0.28 10.95
N ALA D 184 -4.90 1.47 10.68
CA ALA D 184 -6.33 1.67 10.44
C ALA D 184 -6.76 1.08 9.10
N GLN D 185 -5.94 1.30 8.08
CA GLN D 185 -6.29 0.90 6.74
C GLN D 185 -6.27 -0.62 6.66
N ILE D 186 -5.26 -1.21 7.29
CA ILE D 186 -5.13 -2.64 7.32
C ILE D 186 -6.31 -3.26 8.05
N ALA D 187 -6.75 -2.60 9.11
CA ALA D 187 -7.91 -3.07 9.85
C ALA D 187 -9.11 -3.11 8.94
N GLN D 188 -9.36 -2.00 8.25
CA GLN D 188 -10.55 -1.90 7.40
C GLN D 188 -10.45 -2.96 6.30
N ASN D 189 -9.23 -3.22 5.82
CA ASN D 189 -9.06 -4.29 4.85
C ASN D 189 -9.58 -5.64 5.34
N VAL D 190 -9.37 -5.98 6.62
CA VAL D 190 -9.79 -7.29 7.08
C VAL D 190 -11.21 -7.22 7.64
N LEU D 191 -11.62 -6.04 8.07
CA LEU D 191 -12.94 -5.91 8.64
C LEU D 191 -13.98 -5.99 7.53
N THR D 192 -13.67 -5.39 6.38
CA THR D 192 -14.65 -5.31 5.31
C THR D 192 -14.50 -6.49 4.34
N ASN D 193 -13.77 -7.51 4.77
CA ASN D 193 -13.68 -8.75 3.99
C ASN D 193 -14.06 -10.00 4.78
N ALA D 194 -14.61 -9.81 5.97
CA ALA D 194 -15.11 -10.91 6.75
C ALA D 194 -16.57 -11.10 6.39
N THR D 195 -16.81 -12.17 5.65
CA THR D 195 -18.14 -12.45 5.12
C THR D 195 -18.42 -13.92 5.31
N LYS D 196 -17.44 -14.74 4.90
CA LYS D 196 -17.50 -16.20 5.05
C LYS D 196 -17.39 -16.63 6.51
N PRO D 197 -18.21 -17.61 6.93
CA PRO D 197 -18.29 -18.09 8.31
C PRO D 197 -16.94 -18.46 8.88
N GLN D 198 -16.03 -18.94 8.04
CA GLN D 198 -14.63 -19.04 8.42
C GLN D 198 -13.77 -18.15 7.55
N GLU D 199 -12.91 -17.35 8.16
CA GLU D 199 -11.90 -16.62 7.42
C GLU D 199 -10.52 -17.00 7.97
N VAL D 200 -9.55 -17.08 7.07
CA VAL D 200 -8.16 -17.24 7.44
C VAL D 200 -7.43 -15.97 6.98
N ILE D 201 -7.06 -15.14 7.96
CA ILE D 201 -6.52 -13.83 7.67
C ILE D 201 -5.00 -13.81 7.66
N LEU D 202 -4.44 -13.26 6.59
CA LEU D 202 -3.01 -13.25 6.42
C LEU D 202 -2.46 -12.01 7.08
N MET D 203 -1.54 -12.19 8.02
CA MET D 203 -0.75 -11.06 8.52
C MET D 203 0.70 -11.47 8.69
N HIS D 204 1.54 -10.47 8.90
CA HIS D 204 2.96 -10.64 9.19
C HIS D 204 3.24 -9.94 10.51
N ASP D 205 3.57 -10.68 11.54
CA ASP D 205 3.81 -10.09 12.85
C ASP D 205 5.16 -9.35 12.89
N ILE D 206 5.98 -9.51 11.86
CA ILE D 206 7.29 -8.90 11.84
C ILE D 206 7.31 -7.43 11.37
N HIS D 207 6.13 -6.83 11.18
CA HIS D 207 6.04 -5.37 10.91
C HIS D 207 5.18 -4.67 11.94
N PRO D 208 5.59 -3.46 12.33
CA PRO D 208 4.88 -2.72 13.39
C PRO D 208 3.43 -2.35 13.02
N GLN D 209 3.18 -1.86 11.81
CA GLN D 209 1.83 -1.43 11.45
C GLN D 209 0.89 -2.63 11.45
N SER D 210 1.44 -3.82 11.32
CA SER D 210 0.65 -5.06 11.40
C SER D 210 0.12 -5.37 12.80
N VAL D 211 0.97 -5.53 13.80
CA VAL D 211 0.49 -5.89 15.13
C VAL D 211 -0.29 -4.72 15.71
N ALA D 212 -0.01 -3.52 15.21
CA ALA D 212 -0.75 -2.31 15.58
C ALA D 212 -2.21 -2.39 15.15
N ALA D 213 -2.47 -3.11 14.08
CA ALA D 213 -3.82 -3.19 13.52
C ALA D 213 -4.65 -4.27 14.20
N VAL D 214 -3.96 -5.25 14.76
CA VAL D 214 -4.57 -6.38 15.43
C VAL D 214 -5.56 -6.02 16.56
N PRO D 215 -5.26 -5.00 17.37
CA PRO D 215 -6.32 -4.63 18.32
C PRO D 215 -7.67 -4.29 17.66
N ALA D 216 -7.63 -3.41 16.66
CA ALA D 216 -8.85 -2.98 15.97
C ALA D 216 -9.48 -4.16 15.21
N ILE D 217 -8.65 -5.03 14.64
CA ILE D 217 -9.11 -6.24 13.98
C ILE D 217 -9.94 -7.11 14.93
N LEU D 218 -9.45 -7.26 16.16
CA LEU D 218 -10.07 -8.13 17.15
C LEU D 218 -11.37 -7.56 17.65
N LYS D 219 -11.41 -6.24 17.81
CA LYS D 219 -12.65 -5.58 18.21
C LYS D 219 -13.67 -5.65 17.08
N GLY D 220 -13.18 -5.49 15.85
CA GLY D 220 -14.02 -5.44 14.68
C GLY D 220 -14.73 -6.75 14.41
N LEU D 221 -13.96 -7.80 14.19
CA LEU D 221 -14.53 -9.11 13.91
C LEU D 221 -15.45 -9.57 15.06
N LYS D 222 -15.00 -9.38 16.30
CA LYS D 222 -15.79 -9.78 17.46
C LYS D 222 -17.16 -9.10 17.42
N GLU D 223 -17.21 -7.88 16.90
CA GLU D 223 -18.48 -7.19 16.71
C GLU D 223 -19.33 -7.89 15.64
N LYS D 224 -18.67 -8.53 14.67
CA LYS D 224 -19.38 -9.26 13.62
C LYS D 224 -19.69 -10.70 14.00
N GLY D 225 -19.32 -11.08 15.23
CA GLY D 225 -19.63 -12.40 15.75
C GLY D 225 -18.58 -13.47 15.51
N TYR D 226 -17.35 -13.06 15.21
CA TYR D 226 -16.28 -14.02 15.01
C TYR D 226 -15.63 -14.43 16.33
N GLU D 227 -14.99 -15.59 16.32
CA GLU D 227 -14.14 -16.00 17.43
C GLU D 227 -12.74 -16.25 16.92
N PHE D 228 -11.74 -16.09 17.77
CA PHE D 228 -10.37 -16.11 17.28
C PHE D 228 -9.64 -17.36 17.75
N GLU D 229 -9.74 -18.40 16.95
CA GLU D 229 -9.11 -19.67 17.23
C GLU D 229 -7.75 -19.83 16.59
N ALA D 230 -6.96 -20.73 17.16
CA ALA D 230 -5.80 -21.27 16.49
C ALA D 230 -6.28 -22.38 15.57
N TYR D 231 -5.47 -22.71 14.57
CA TYR D 231 -5.65 -23.93 13.82
C TYR D 231 -5.56 -25.11 14.78
N HIS D 232 -6.33 -26.16 14.54
CA HIS D 232 -6.18 -27.40 15.30
C HIS D 232 -5.93 -28.53 14.33
N GLU D 233 -4.89 -29.32 14.61
CA GLU D 233 -4.48 -30.41 13.73
C GLU D 233 -5.61 -31.41 13.55
N GLU D 234 -6.20 -31.84 14.64
CA GLU D 234 -7.28 -32.82 14.54
C GLU D 234 -8.46 -32.21 13.77
N SER D 235 -8.56 -30.88 13.78
CA SER D 235 -9.71 -30.19 13.21
C SER D 235 -9.50 -29.65 11.78
N HIS D 236 -8.70 -30.36 10.98
CA HIS D 236 -8.25 -29.80 9.72
C HIS D 236 -9.35 -29.68 8.67
N PHE D 237 -9.42 -28.52 8.03
CA PHE D 237 -10.23 -28.34 6.81
C PHE D 237 -9.42 -27.57 5.75
N PRO D 238 -9.44 -28.04 4.49
CA PRO D 238 -8.55 -27.48 3.46
C PRO D 238 -8.80 -26.02 3.12
N VAL D 239 -7.70 -25.27 3.00
CA VAL D 239 -7.74 -23.89 2.52
C VAL D 239 -6.53 -23.67 1.62
N ASN D 240 -6.66 -24.02 0.34
CA ASN D 240 -5.59 -23.71 -0.59
C ASN D 240 -6.05 -23.29 -1.97
N PHE D 241 -5.18 -22.54 -2.62
CA PHE D 241 -5.50 -21.96 -3.91
C PHE D 241 -5.71 -23.01 -5.01
N TRP D 242 -5.19 -24.23 -4.80
CA TRP D 242 -5.31 -25.29 -5.79
C TRP D 242 -6.54 -26.13 -5.55
N HIS D 243 -7.35 -25.76 -4.56
CA HIS D 243 -8.53 -26.54 -4.21
C HIS D 243 -8.25 -28.01 -3.98
N ASP D 244 -7.00 -28.35 -3.66
CA ASP D 244 -6.63 -29.73 -3.38
C ASP D 244 -6.93 -30.04 -1.90
N ASN D 245 -7.86 -30.95 -1.67
CA ASN D 245 -8.26 -31.22 -0.30
C ASN D 245 -7.49 -32.43 0.26
N ARG D 246 -6.32 -32.68 -0.29
CA ARG D 246 -5.39 -33.62 0.31
C ARG D 246 -4.50 -32.88 1.31
N MET D 247 -4.54 -31.55 1.26
CA MET D 247 -3.78 -30.71 2.17
C MET D 247 -4.73 -29.79 2.93
ZN ZN E . -11.84 -23.05 -12.56
C ACT F . -12.14 -21.61 -10.04
O ACT F . -12.98 -22.39 -10.55
OXT ACT F . -11.25 -21.20 -10.84
CH3 ACT F . -12.18 -21.19 -8.59
ZN ZN G . 7.28 9.32 -11.87
C1 NHT H . 7.91 8.17 -6.02
C2 NHT H . 7.81 6.73 -6.64
C3 NHT H . 8.08 6.62 -8.13
C4 NHT H . 7.46 7.76 -8.86
C5 NHT H . 8.09 9.07 -8.34
C6 NHT H . 7.81 10.24 -9.29
C7 NHT H . 9.90 6.71 -5.17
C10 NHT H . 12.49 4.80 -3.14
N2 NHT H . 9.03 5.84 -6.06
O3 NHT H . 7.56 5.37 -8.56
O4 NHT H . 7.58 7.70 -10.25
O5 NHT H . 7.58 9.30 -6.95
N1 NHT H . 11.08 6.35 -4.46
O6 NHT H . 6.45 10.10 -9.82
S1 NHT H . 9.27 8.21 -5.17
C9 NHT H . 11.66 5.03 -4.43
C1 PGE I . -1.70 -2.47 -2.07
O1 PGE I . -3.03 -2.57 -2.59
C2 PGE I . -1.63 -1.93 -0.64
O2 PGE I . -1.27 -0.55 -0.63
C3 PGE I . -0.40 -0.13 0.40
C4 PGE I . -0.06 1.31 0.08
O4 PGE I . 3.47 1.99 2.27
C6 PGE I . 2.36 2.86 2.46
C5 PGE I . 1.07 2.23 1.94
O3 PGE I . 1.19 1.69 0.63
C1 EDO J . 5.57 14.08 1.95
O1 EDO J . 7.01 14.04 1.95
C2 EDO J . 5.01 13.27 3.11
O2 EDO J . 3.58 13.27 3.13
ZN ZN K . 19.12 19.95 8.42
C ACT L . 16.27 19.99 7.74
O ACT L . 16.93 19.07 7.20
OXT ACT L . 16.83 20.54 8.71
CH3 ACT L . 14.91 20.41 7.24
ZN ZN M . 6.13 -14.92 3.95
C1 NHT N . 2.33 -12.41 0.07
C2 NHT N . 3.57 -11.46 0.11
C3 NHT N . 4.82 -12.08 0.72
C4 NHT N . 4.52 -12.92 1.88
C5 NHT N . 3.64 -14.07 1.35
C6 NHT N . 3.58 -15.28 2.29
C7 NHT N . 3.38 -12.21 -2.31
C10 NHT N . 3.35 -13.22 -5.99
N2 NHT N . 4.19 -11.37 -1.36
O3 NHT N . 5.72 -11.02 1.06
O4 NHT N . 5.66 -13.36 2.54
O5 NHT N . 2.30 -13.46 1.14
N1 NHT N . 3.64 -12.38 -3.69
O6 NHT N . 3.92 -14.86 3.65
S1 NHT N . 2.15 -12.87 -1.46
C9 NHT N . 2.82 -13.20 -4.54
C1 CIT O . -7.93 -13.58 -2.32
O1 CIT O . -8.28 -14.42 -3.20
O2 CIT O . -7.11 -13.95 -1.43
C2 CIT O . -8.56 -12.18 -2.37
C3 CIT O . -7.83 -11.12 -1.53
O7 CIT O . -6.53 -11.68 -1.25
C4 CIT O . -7.74 -9.76 -2.24
C5 CIT O . -6.38 -9.06 -2.36
O3 CIT O . -5.38 -9.59 -2.91
O4 CIT O . -6.27 -7.90 -1.88
C6 CIT O . -8.66 -10.85 -0.26
O5 CIT O . -9.76 -11.43 -0.05
O6 CIT O . -8.26 -10.02 0.60
#